data_5DCY
#
_entry.id   5DCY
#
_cell.length_a   92.120
_cell.length_b   95.900
_cell.length_c   172.160
_cell.angle_alpha   90.000
_cell.angle_beta   90.000
_cell.angle_gamma   90.000
#
_symmetry.space_group_name_H-M   'C 2 2 21'
#
loop_
_entity.id
_entity.type
_entity.pdbx_description
1 polymer 'Iridoid synthase'
2 non-polymer 'NADP NICOTINAMIDE-ADENINE-DINUCLEOTIDE PHOSPHATE'
3 non-polymer 'TRIETHYLENE GLYCOL'
4 non-polymer 1,2-ETHANEDIOL
5 water water
#
_entity_poly.entity_id   1
_entity_poly.type   'polypeptide(L)'
_entity_poly.pdbx_seq_one_letter_code
;GPGVCKSYKSVALVVGVTGIVGSSLAEVLKLPDTPGGPWKVYGVARRPCPVWLAKKPVEYIQCDVSNNQETISKLSPLKD
ITHIFYVSWIGSEDCQTNATMFKNILNSVIPNASNLQHVCLQTGIKHYFAIFEEGSKVVPHDSPFTEDLPRLNVPNFYHD
LEDILYEETGKNNLTWSVHRPALVFGFSPCSMMNIVSTLCVYATICKHENKALVYPGSKNSWNCYADAVDADLVAEHEIW
AAVDPKAKNQVLNCNNGDVFKWKHIWKKLAEEFGIEMVGYVEGKEQVSLAELMKDKDQVWDEIVKKNNLVPTKLKEIAAF
WFADIAFCSENLISSMNKSKELGFLGFRNSMKSFVSCIDKMRDYRFIP
;
_entity_poly.pdbx_strand_id   A,B
#
loop_
_chem_comp.id
_chem_comp.type
_chem_comp.name
_chem_comp.formula
EDO non-polymer 1,2-ETHANEDIOL 'C2 H6 O2'
NAP non-polymer 'NADP NICOTINAMIDE-ADENINE-DINUCLEOTIDE PHOSPHATE' 'C21 H28 N7 O17 P3'
PGE non-polymer 'TRIETHYLENE GLYCOL' 'C6 H14 O4'
#
# COMPACT_ATOMS: atom_id res chain seq x y z
N GLY A 3 20.14 -0.37 -17.83
CA GLY A 3 18.83 0.34 -17.87
C GLY A 3 18.87 1.78 -17.39
N VAL A 4 17.71 2.42 -17.32
CA VAL A 4 17.61 3.83 -16.94
C VAL A 4 17.18 4.01 -15.49
N CYS A 5 17.58 5.12 -14.91
CA CYS A 5 17.14 5.54 -13.58
C CYS A 5 15.62 5.78 -13.59
N LYS A 6 14.93 5.25 -12.58
CA LYS A 6 13.49 5.53 -12.39
C LYS A 6 13.20 7.02 -12.22
N SER A 7 12.03 7.44 -12.70
CA SER A 7 11.55 8.82 -12.55
C SER A 7 10.49 8.82 -11.46
N TYR A 8 10.52 9.87 -10.66
CA TYR A 8 9.51 10.07 -9.63
C TYR A 8 9.02 11.49 -9.75
N LYS A 9 7.79 11.68 -9.34
CA LYS A 9 7.21 13.01 -9.28
C LYS A 9 7.69 13.72 -8.02
N SER A 10 7.74 12.97 -6.92
CA SER A 10 8.09 13.54 -5.62
C SER A 10 9.01 12.56 -4.88
N VAL A 11 9.84 13.10 -4.01
CA VAL A 11 10.83 12.31 -3.26
C VAL A 11 10.74 12.71 -1.80
N ALA A 12 10.30 11.76 -0.97
CA ALA A 12 10.08 11.97 0.44
C ALA A 12 11.31 11.59 1.26
N LEU A 13 11.64 12.42 2.24
CA LEU A 13 12.49 12.00 3.36
C LEU A 13 11.62 11.83 4.60
N VAL A 14 11.40 10.57 5.01
CA VAL A 14 10.58 10.24 6.18
C VAL A 14 11.53 10.03 7.32
N VAL A 15 11.58 11.02 8.21
CA VAL A 15 12.51 10.98 9.37
C VAL A 15 11.74 10.38 10.53
N GLY A 16 12.08 9.15 10.85
CA GLY A 16 11.33 8.32 11.80
C GLY A 16 10.50 7.24 11.14
N VAL A 17 11.10 6.53 10.18
CA VAL A 17 10.35 5.61 9.32
C VAL A 17 9.84 4.36 10.08
N THR A 18 10.47 4.02 11.21
CA THR A 18 10.05 2.91 12.04
C THR A 18 8.99 3.32 13.05
N GLY A 19 8.70 4.61 13.12
CA GLY A 19 7.73 5.12 14.11
C GLY A 19 6.31 4.85 13.72
N ILE A 20 5.40 5.23 14.61
CA ILE A 20 3.96 4.92 14.42
C ILE A 20 3.38 5.63 13.21
N VAL A 21 3.85 6.83 12.88
CA VAL A 21 3.39 7.51 11.67
C VAL A 21 4.35 7.24 10.48
N GLY A 22 5.64 7.23 10.75
CA GLY A 22 6.63 6.98 9.71
C GLY A 22 6.35 5.66 8.96
N SER A 23 5.99 4.61 9.73
CA SER A 23 5.76 3.30 9.15
C SER A 23 4.53 3.28 8.24
N SER A 24 3.53 4.06 8.62
CA SER A 24 2.38 4.26 7.76
CA SER A 24 2.36 4.29 7.77
C SER A 24 2.69 5.09 6.51
N LEU A 25 3.45 6.15 6.64
CA LEU A 25 3.95 6.91 5.45
C LEU A 25 4.68 5.95 4.47
N ALA A 26 5.47 5.02 5.01
CA ALA A 26 6.20 4.06 4.16
C ALA A 26 5.24 3.24 3.30
N GLU A 27 4.00 3.05 3.76
CA GLU A 27 3.01 2.34 2.98
C GLU A 27 2.21 3.29 2.12
N VAL A 28 1.65 4.32 2.73
CA VAL A 28 0.75 5.25 2.00
C VAL A 28 1.44 5.93 0.83
N LEU A 29 2.68 6.38 1.01
CA LEU A 29 3.40 7.07 -0.06
C LEU A 29 3.58 6.18 -1.31
N LYS A 30 3.54 4.86 -1.16
CA LYS A 30 3.76 3.94 -2.29
C LYS A 30 2.50 3.46 -2.98
N LEU A 31 1.32 3.91 -2.52
CA LEU A 31 0.09 3.57 -3.19
C LEU A 31 -0.03 4.32 -4.52
N PRO A 32 -0.58 3.65 -5.53
CA PRO A 32 -0.64 4.30 -6.86
C PRO A 32 -1.43 5.61 -6.93
N ASP A 33 -2.50 5.78 -6.16
CA ASP A 33 -3.30 7.01 -6.25
C ASP A 33 -2.97 8.07 -5.21
N THR A 34 -1.91 7.86 -4.44
CA THR A 34 -1.52 8.87 -3.47
C THR A 34 -1.13 10.19 -4.12
N PRO A 35 -1.67 11.30 -3.60
CA PRO A 35 -1.30 12.59 -4.17
C PRO A 35 0.19 12.83 -4.20
N GLY A 36 0.67 13.45 -5.28
CA GLY A 36 2.10 13.72 -5.45
C GLY A 36 2.91 12.58 -5.99
N GLY A 37 2.26 11.44 -6.22
CA GLY A 37 2.96 10.27 -6.72
C GLY A 37 3.23 10.29 -8.22
N PRO A 38 4.13 9.41 -8.70
CA PRO A 38 4.79 8.43 -7.87
C PRO A 38 5.90 8.98 -6.95
N TRP A 39 5.97 8.40 -5.77
CA TRP A 39 6.89 8.82 -4.72
C TRP A 39 8.06 7.85 -4.62
N LYS A 40 9.25 8.43 -4.50
CA LYS A 40 10.41 7.74 -3.95
C LYS A 40 10.46 8.01 -2.45
N VAL A 41 10.77 6.99 -1.64
CA VAL A 41 10.80 7.17 -0.22
C VAL A 41 12.14 6.79 0.37
N TYR A 42 12.82 7.79 0.95
CA TYR A 42 13.93 7.55 1.87
C TYR A 42 13.36 7.45 3.29
N GLY A 43 13.76 6.43 4.05
CA GLY A 43 13.27 6.29 5.43
C GLY A 43 14.46 6.27 6.34
N VAL A 44 14.45 7.19 7.31
CA VAL A 44 15.53 7.33 8.29
C VAL A 44 15.07 6.84 9.66
N ALA A 45 15.94 6.07 10.33
CA ALA A 45 15.78 5.79 11.75
C ALA A 45 17.14 5.40 12.31
N ARG A 46 17.26 5.32 13.63
CA ARG A 46 18.60 5.10 14.25
C ARG A 46 19.00 3.62 14.28
N ARG A 47 18.01 2.75 14.50
CA ARG A 47 18.28 1.31 14.58
C ARG A 47 18.57 0.73 13.18
N PRO A 48 19.22 -0.43 13.12
CA PRO A 48 19.32 -1.12 11.83
C PRO A 48 17.94 -1.45 11.32
N CYS A 49 17.77 -1.51 10.00
CA CYS A 49 16.45 -1.78 9.42
C CYS A 49 15.87 -3.06 10.00
N PRO A 50 14.70 -2.97 10.62
CA PRO A 50 14.08 -4.20 11.15
C PRO A 50 13.59 -5.10 10.04
N VAL A 51 13.44 -6.36 10.39
CA VAL A 51 13.00 -7.36 9.45
C VAL A 51 11.63 -6.98 8.84
N TRP A 52 10.75 -6.41 9.66
CA TRP A 52 9.42 -6.02 9.20
C TRP A 52 9.36 -4.81 8.28
N LEU A 53 10.48 -4.09 8.06
N LEU A 53 10.48 -4.11 8.05
CA LEU A 53 10.57 -3.01 7.06
CA LEU A 53 10.59 -3.04 7.05
C LEU A 53 11.45 -3.34 5.83
C LEU A 53 11.44 -3.37 5.82
N ALA A 54 12.26 -4.40 5.93
CA ALA A 54 13.17 -4.79 4.85
C ALA A 54 12.45 -5.27 3.58
N LYS A 55 11.18 -5.63 3.69
CA LYS A 55 10.46 -6.07 2.49
C LYS A 55 9.55 -4.97 1.92
N LYS A 56 9.78 -3.72 2.32
CA LYS A 56 9.05 -2.58 1.76
C LYS A 56 9.94 -1.81 0.79
N PRO A 57 9.34 -1.19 -0.24
CA PRO A 57 10.11 -0.45 -1.27
C PRO A 57 10.46 0.94 -0.81
N VAL A 58 11.24 0.99 0.28
CA VAL A 58 11.70 2.20 0.92
C VAL A 58 13.23 2.08 0.96
N GLU A 59 13.93 3.18 0.68
N GLU A 59 13.93 3.18 0.68
CA GLU A 59 15.38 3.19 0.80
CA GLU A 59 15.37 3.20 0.80
C GLU A 59 15.72 3.55 2.23
C GLU A 59 15.72 3.55 2.23
N TYR A 60 16.14 2.55 3.01
CA TYR A 60 16.40 2.73 4.42
C TYR A 60 17.76 3.33 4.66
N ILE A 61 17.80 4.37 5.50
CA ILE A 61 19.02 5.05 5.90
C ILE A 61 19.13 4.98 7.43
N GLN A 62 20.08 4.21 7.91
CA GLN A 62 20.36 4.11 9.34
C GLN A 62 21.19 5.33 9.67
N CYS A 63 20.69 6.18 10.57
CA CYS A 63 21.40 7.40 10.92
C CYS A 63 20.94 7.87 12.29
N ASP A 64 21.90 8.17 13.17
CA ASP A 64 21.58 8.86 14.42
C ASP A 64 21.48 10.34 14.13
N VAL A 65 20.25 10.82 13.98
CA VAL A 65 20.05 12.22 13.57
C VAL A 65 20.39 13.24 14.66
N SER A 66 20.69 12.77 15.85
N SER A 66 20.69 12.77 15.86
CA SER A 66 21.21 13.65 16.89
CA SER A 66 21.24 13.63 16.93
C SER A 66 22.68 13.98 16.71
C SER A 66 22.70 13.99 16.70
N ASN A 67 23.35 13.28 15.78
CA ASN A 67 24.78 13.45 15.46
C ASN A 67 24.95 14.24 14.18
N ASN A 68 25.40 15.48 14.31
CA ASN A 68 25.42 16.40 13.17
C ASN A 68 26.33 15.90 12.02
N GLN A 69 27.53 15.45 12.35
CA GLN A 69 28.49 14.99 11.30
C GLN A 69 27.96 13.76 10.59
N GLU A 70 27.36 12.84 11.33
CA GLU A 70 26.76 11.66 10.74
C GLU A 70 25.58 11.99 9.83
N THR A 71 24.72 12.89 10.27
N THR A 71 24.71 12.89 10.27
CA THR A 71 23.58 13.30 9.49
CA THR A 71 23.55 13.27 9.47
C THR A 71 23.98 14.00 8.18
C THR A 71 23.97 14.00 8.17
N ILE A 72 24.97 14.87 8.25
CA ILE A 72 25.55 15.51 7.05
C ILE A 72 26.07 14.42 6.10
N SER A 73 26.84 13.49 6.63
N SER A 73 26.85 13.48 6.63
CA SER A 73 27.45 12.45 5.81
CA SER A 73 27.46 12.45 5.78
C SER A 73 26.39 11.58 5.10
C SER A 73 26.38 11.59 5.08
N LYS A 74 25.31 11.26 5.80
CA LYS A 74 24.31 10.36 5.25
C LYS A 74 23.23 11.04 4.43
N LEU A 75 22.86 12.27 4.76
CA LEU A 75 21.76 12.95 4.06
C LEU A 75 22.15 13.98 3.00
N SER A 76 23.33 14.60 3.12
N SER A 76 23.31 14.59 3.12
CA SER A 76 23.81 15.55 2.11
CA SER A 76 23.79 15.54 2.10
C SER A 76 23.90 15.00 0.67
C SER A 76 23.89 14.99 0.66
N PRO A 77 24.16 13.68 0.49
CA PRO A 77 24.13 13.16 -0.89
C PRO A 77 22.76 13.05 -1.55
N LEU A 78 21.69 13.25 -0.77
CA LEU A 78 20.34 12.99 -1.29
C LEU A 78 19.82 14.26 -1.95
N LYS A 79 20.28 14.49 -3.18
CA LYS A 79 20.04 15.75 -3.87
C LYS A 79 18.63 15.90 -4.39
N ASP A 80 17.89 14.80 -4.43
CA ASP A 80 16.58 14.75 -5.10
C ASP A 80 15.37 14.93 -4.18
N ILE A 81 15.59 15.11 -2.88
CA ILE A 81 14.48 15.25 -1.93
C ILE A 81 13.61 16.47 -2.29
N THR A 82 12.30 16.27 -2.29
CA THR A 82 11.33 17.35 -2.58
C THR A 82 10.48 17.68 -1.34
N HIS A 83 10.27 16.70 -0.46
CA HIS A 83 9.41 16.88 0.74
C HIS A 83 10.02 16.16 1.93
N ILE A 84 10.11 16.86 3.07
CA ILE A 84 10.55 16.27 4.33
C ILE A 84 9.36 16.04 5.23
N PHE A 85 9.27 14.86 5.83
CA PHE A 85 8.24 14.51 6.81
C PHE A 85 8.99 14.19 8.10
N TYR A 86 8.95 15.12 9.05
CA TYR A 86 9.65 14.95 10.33
C TYR A 86 8.69 14.37 11.32
N VAL A 87 8.82 13.07 11.53
CA VAL A 87 7.88 12.29 12.35
C VAL A 87 8.65 11.50 13.42
N SER A 88 9.53 12.22 14.10
CA SER A 88 10.44 11.65 15.10
CA SER A 88 10.45 11.65 15.08
C SER A 88 10.45 12.49 16.37
N TRP A 89 10.92 11.90 17.46
CA TRP A 89 11.33 12.62 18.66
C TRP A 89 12.35 11.72 19.34
N ILE A 90 13.06 12.26 20.32
CA ILE A 90 14.16 11.53 20.91
C ILE A 90 13.76 10.52 21.97
N GLY A 91 12.55 10.65 22.51
CA GLY A 91 12.02 9.75 23.52
C GLY A 91 12.11 10.29 24.95
N SER A 92 12.48 11.57 25.05
CA SER A 92 12.40 12.37 26.25
C SER A 92 11.83 13.73 25.91
N GLU A 93 11.49 14.47 26.96
CA GLU A 93 10.97 15.83 26.81
C GLU A 93 12.05 16.91 26.70
N ASP A 94 13.34 16.52 26.65
CA ASP A 94 14.44 17.46 26.58
C ASP A 94 14.32 18.36 25.34
N CYS A 95 14.21 19.66 25.57
CA CYS A 95 13.97 20.61 24.48
C CYS A 95 15.21 20.73 23.58
N GLN A 96 16.39 20.74 24.19
CA GLN A 96 17.64 20.90 23.43
C GLN A 96 17.93 19.68 22.53
N THR A 97 17.81 18.48 23.09
CA THR A 97 18.15 17.28 22.30
C THR A 97 17.14 17.00 21.20
N ASN A 98 15.86 17.28 21.44
CA ASN A 98 14.88 17.16 20.34
C ASN A 98 15.16 18.21 19.24
N ALA A 99 15.51 19.43 19.66
CA ALA A 99 15.76 20.49 18.70
C ALA A 99 16.97 20.17 17.84
N THR A 100 18.00 19.57 18.43
CA THR A 100 19.18 19.15 17.69
C THR A 100 18.83 18.21 16.53
N MET A 101 18.01 17.21 16.79
CA MET A 101 17.60 16.25 15.75
C MET A 101 17.00 16.96 14.55
N PHE A 102 16.07 17.88 14.80
CA PHE A 102 15.37 18.54 13.71
C PHE A 102 16.29 19.55 12.98
N LYS A 103 17.08 20.32 13.72
CA LYS A 103 18.04 21.22 13.08
C LYS A 103 19.00 20.44 12.19
N ASN A 104 19.45 19.27 12.65
CA ASN A 104 20.40 18.50 11.86
C ASN A 104 19.80 18.04 10.52
N ILE A 105 18.51 17.70 10.53
CA ILE A 105 17.83 17.28 9.29
C ILE A 105 17.78 18.45 8.30
N LEU A 106 17.32 19.60 8.77
CA LEU A 106 17.24 20.79 7.92
C LEU A 106 18.59 21.27 7.44
N ASN A 107 19.58 21.33 8.34
CA ASN A 107 20.89 21.78 7.93
C ASN A 107 21.60 20.87 6.94
N SER A 108 21.27 19.59 6.95
N SER A 108 21.28 19.57 6.97
CA SER A 108 21.86 18.63 6.04
CA SER A 108 21.90 18.59 6.05
C SER A 108 21.18 18.58 4.67
C SER A 108 21.19 18.55 4.67
N VAL A 109 19.89 18.85 4.63
CA VAL A 109 19.09 18.70 3.41
C VAL A 109 18.91 20.02 2.68
N ILE A 110 18.60 21.11 3.41
CA ILE A 110 18.30 22.38 2.72
C ILE A 110 19.39 22.84 1.74
N PRO A 111 20.67 22.81 2.14
CA PRO A 111 21.72 23.19 1.21
C PRO A 111 21.98 22.24 0.01
N ASN A 112 21.46 21.03 0.07
CA ASN A 112 21.78 20.02 -0.91
C ASN A 112 20.64 19.61 -1.85
N ALA A 113 19.41 19.80 -1.41
CA ALA A 113 18.25 19.36 -2.20
C ALA A 113 17.63 20.56 -2.91
N SER A 114 18.12 20.85 -4.11
CA SER A 114 17.74 22.06 -4.82
C SER A 114 16.26 22.15 -5.21
N ASN A 115 15.55 21.01 -5.26
CA ASN A 115 14.13 21.00 -5.60
CA ASN A 115 14.13 20.97 -5.60
C ASN A 115 13.28 20.78 -4.37
N LEU A 116 13.83 21.03 -3.18
CA LEU A 116 13.06 20.90 -1.93
C LEU A 116 11.94 21.94 -1.94
N GLN A 117 10.75 21.49 -1.55
N GLN A 117 10.75 21.49 -1.54
CA GLN A 117 9.53 22.30 -1.63
CA GLN A 117 9.53 22.33 -1.61
C GLN A 117 8.94 22.62 -0.25
C GLN A 117 8.94 22.62 -0.25
N HIS A 118 8.89 21.59 0.61
CA HIS A 118 8.04 21.61 1.79
C HIS A 118 8.63 20.81 2.95
N VAL A 119 8.42 21.34 4.14
CA VAL A 119 8.74 20.63 5.39
C VAL A 119 7.47 20.45 6.21
N CYS A 120 7.16 19.19 6.49
CA CYS A 120 6.04 18.77 7.39
CA CYS A 120 6.07 18.84 7.40
C CYS A 120 6.65 18.45 8.76
N LEU A 121 6.19 19.12 9.82
CA LEU A 121 6.62 18.88 11.18
C LEU A 121 5.45 18.28 11.94
N GLN A 122 5.63 17.08 12.49
CA GLN A 122 4.62 16.47 13.35
C GLN A 122 4.92 16.73 14.81
N THR A 123 3.99 17.40 15.48
CA THR A 123 4.00 17.56 16.92
C THR A 123 2.74 16.84 17.47
N GLY A 124 1.80 17.54 18.10
CA GLY A 124 0.71 16.86 18.75
C GLY A 124 -0.17 17.75 19.55
N ILE A 125 -1.25 17.16 20.07
CA ILE A 125 -2.19 17.88 20.90
C ILE A 125 -1.62 18.29 22.24
N LYS A 126 -0.47 17.74 22.66
CA LYS A 126 0.18 18.22 23.86
C LYS A 126 0.60 19.69 23.75
N HIS A 127 0.60 20.24 22.55
CA HIS A 127 0.67 21.69 22.43
C HIS A 127 -0.35 22.47 23.29
N TYR A 128 -1.51 21.87 23.54
CA TYR A 128 -2.63 22.56 24.13
C TYR A 128 -2.80 22.44 25.66
N PHE A 129 -2.02 21.54 26.28
CA PHE A 129 -2.20 21.26 27.69
C PHE A 129 -0.90 20.80 28.35
N ALA A 130 -0.90 20.80 29.67
CA ALA A 130 0.30 20.40 30.44
C ALA A 130 0.00 19.20 31.34
N ILE A 131 1.05 18.44 31.61
CA ILE A 131 1.03 17.30 32.50
C ILE A 131 2.04 17.59 33.62
N PHE A 132 1.57 17.43 34.85
CA PHE A 132 2.35 17.71 36.06
C PHE A 132 2.34 16.49 36.99
N GLU A 133 3.21 16.53 38.00
CA GLU A 133 3.30 15.50 39.05
C GLU A 133 3.52 14.08 38.51
N GLU A 134 4.62 13.90 37.79
CA GLU A 134 5.08 12.58 37.32
C GLU A 134 4.07 11.90 36.40
N GLY A 135 3.49 12.66 35.46
CA GLY A 135 2.49 12.13 34.54
C GLY A 135 1.07 11.92 35.09
N SER A 136 0.83 12.36 36.33
CA SER A 136 -0.38 12.00 37.09
C SER A 136 -1.49 13.05 37.10
N LYS A 137 -1.18 14.28 36.64
CA LYS A 137 -2.11 15.41 36.68
C LYS A 137 -2.20 16.04 35.29
N VAL A 138 -3.07 15.49 34.45
CA VAL A 138 -3.31 16.05 33.11
C VAL A 138 -4.39 17.13 33.26
N VAL A 139 -4.03 18.38 32.93
CA VAL A 139 -4.85 19.55 33.33
C VAL A 139 -5.14 20.53 32.17
N PRO A 140 -5.94 20.08 31.16
CA PRO A 140 -6.21 20.89 29.99
C PRO A 140 -7.26 21.99 30.21
N HIS A 141 -7.12 23.08 29.46
CA HIS A 141 -8.15 24.13 29.37
C HIS A 141 -8.50 24.37 27.91
N ASP A 142 -9.75 24.72 27.67
CA ASP A 142 -10.27 25.21 26.40
C ASP A 142 -10.39 24.15 25.32
N SER A 143 -10.87 22.94 25.65
CA SER A 143 -11.20 22.02 24.58
CA SER A 143 -11.21 21.98 24.60
C SER A 143 -12.67 22.26 24.16
N PRO A 144 -13.06 21.94 22.90
CA PRO A 144 -12.26 21.36 21.81
C PRO A 144 -11.12 22.23 21.34
N PHE A 145 -9.92 21.69 21.30
CA PHE A 145 -8.73 22.45 20.99
C PHE A 145 -8.70 22.90 19.53
N THR A 146 -8.44 24.18 19.32
CA THR A 146 -8.35 24.77 17.98
C THR A 146 -6.99 25.39 17.78
N GLU A 147 -6.59 25.50 16.52
CA GLU A 147 -5.26 25.95 16.14
C GLU A 147 -5.01 27.47 16.37
N ASP A 148 -6.02 28.21 16.80
CA ASP A 148 -5.77 29.60 17.20
C ASP A 148 -5.34 29.73 18.69
N LEU A 149 -5.29 28.63 19.46
CA LEU A 149 -4.94 28.74 20.89
C LEU A 149 -3.47 29.10 21.08
N PRO A 150 -3.18 30.07 21.95
CA PRO A 150 -1.78 30.46 22.15
C PRO A 150 -0.97 29.43 22.92
N ARG A 151 0.33 29.46 22.73
CA ARG A 151 1.23 28.59 23.49
C ARG A 151 1.05 28.79 24.99
N LEU A 152 1.16 27.69 25.73
CA LEU A 152 1.24 27.78 27.18
C LEU A 152 2.61 28.26 27.59
N ASN A 153 2.69 28.99 28.70
CA ASN A 153 3.97 29.55 29.16
C ASN A 153 4.75 28.50 29.95
N VAL A 154 5.12 27.43 29.27
CA VAL A 154 5.86 26.31 29.89
C VAL A 154 6.86 25.79 28.86
N PRO A 155 7.88 25.04 29.32
N PRO A 155 7.88 25.04 29.32
CA PRO A 155 8.72 24.34 28.37
CA PRO A 155 8.72 24.34 28.37
C PRO A 155 7.96 23.28 27.60
C PRO A 155 7.96 23.28 27.60
N ASN A 156 8.17 23.26 26.30
N ASN A 156 8.17 23.26 26.30
CA ASN A 156 7.57 22.25 25.45
CA ASN A 156 7.57 22.25 25.45
C ASN A 156 8.40 22.18 24.20
C ASN A 156 8.40 22.18 24.20
N PHE A 157 9.02 21.03 23.94
CA PHE A 157 9.92 20.94 22.78
C PHE A 157 9.21 21.19 21.44
N TYR A 158 7.90 21.04 21.41
CA TYR A 158 7.12 21.40 20.24
C TYR A 158 7.32 22.86 19.86
N HIS A 159 7.46 23.72 20.88
CA HIS A 159 7.67 25.14 20.60
C HIS A 159 9.01 25.35 19.89
N ASP A 160 10.04 24.69 20.41
CA ASP A 160 11.37 24.79 19.82
C ASP A 160 11.41 24.28 18.38
N LEU A 161 10.76 23.14 18.12
CA LEU A 161 10.65 22.58 16.77
C LEU A 161 9.92 23.53 15.79
N GLU A 162 8.81 24.08 16.23
CA GLU A 162 8.09 25.08 15.42
C GLU A 162 8.98 26.27 15.09
N ASP A 163 9.67 26.80 16.08
CA ASP A 163 10.46 27.99 15.86
C ASP A 163 11.55 27.72 14.82
N ILE A 164 12.15 26.55 14.87
CA ILE A 164 13.17 26.16 13.87
C ILE A 164 12.51 26.05 12.47
N LEU A 165 11.35 25.42 12.43
CA LEU A 165 10.61 25.23 11.18
C LEU A 165 10.34 26.59 10.53
N TYR A 166 9.82 27.54 11.31
CA TYR A 166 9.47 28.84 10.75
C TYR A 166 10.71 29.58 10.26
N GLU A 167 11.76 29.56 11.07
N GLU A 167 11.77 29.56 11.06
CA GLU A 167 12.98 30.27 10.71
CA GLU A 167 12.99 30.28 10.71
C GLU A 167 13.63 29.70 9.44
C GLU A 167 13.64 29.70 9.44
N GLU A 168 13.78 28.39 9.36
CA GLU A 168 14.49 27.77 8.26
C GLU A 168 13.69 27.77 6.97
N THR A 169 12.38 27.61 7.06
CA THR A 169 11.57 27.65 5.84
C THR A 169 11.43 29.05 5.32
N GLY A 170 11.33 30.03 6.21
CA GLY A 170 11.20 31.43 5.78
C GLY A 170 12.42 31.90 5.03
N LYS A 171 13.61 31.58 5.57
CA LYS A 171 14.90 32.00 4.97
C LYS A 171 15.12 31.40 3.57
N ASN A 172 14.55 30.23 3.33
CA ASN A 172 14.85 29.40 2.17
C ASN A 172 13.68 29.23 1.20
N ASN A 173 12.63 30.03 1.37
CA ASN A 173 11.47 30.03 0.48
C ASN A 173 10.87 28.62 0.28
N LEU A 174 10.66 27.96 1.42
CA LEU A 174 10.03 26.67 1.51
C LEU A 174 8.70 26.85 2.19
N THR A 175 7.73 26.02 1.85
CA THR A 175 6.47 25.96 2.62
C THR A 175 6.60 25.00 3.79
N TRP A 176 5.69 25.18 4.76
CA TRP A 176 5.73 24.45 6.02
C TRP A 176 4.33 24.02 6.41
N SER A 177 4.26 22.98 7.20
CA SER A 177 3.04 22.65 7.90
C SER A 177 3.39 22.06 9.26
N VAL A 178 2.54 22.35 10.26
CA VAL A 178 2.66 21.74 11.57
C VAL A 178 1.42 20.88 11.74
N HIS A 179 1.63 19.60 11.99
CA HIS A 179 0.54 18.66 12.23
C HIS A 179 0.49 18.29 13.68
N ARG A 180 -0.70 18.38 14.27
CA ARG A 180 -0.91 18.09 15.69
C ARG A 180 -1.86 16.93 15.85
N PRO A 181 -1.36 15.70 15.64
CA PRO A 181 -2.26 14.58 15.80
C PRO A 181 -2.73 14.37 17.22
N ALA A 182 -3.93 13.83 17.33
CA ALA A 182 -4.45 13.24 18.53
C ALA A 182 -3.69 11.93 18.84
N LEU A 183 -4.08 11.26 19.92
CA LEU A 183 -3.55 9.94 20.25
C LEU A 183 -3.58 9.07 19.02
N VAL A 184 -2.47 8.43 18.66
CA VAL A 184 -2.43 7.69 17.40
C VAL A 184 -2.80 6.22 17.55
N PHE A 185 -3.68 5.72 16.67
CA PHE A 185 -3.97 4.29 16.50
C PHE A 185 -3.13 3.83 15.31
N GLY A 186 -2.13 3.00 15.59
CA GLY A 186 -1.24 2.49 14.55
C GLY A 186 -0.69 1.11 14.87
N PHE A 187 0.31 0.69 14.08
CA PHE A 187 0.72 -0.73 14.06
C PHE A 187 2.21 -0.97 14.33
N SER A 188 3.02 0.09 14.41
CA SER A 188 4.48 -0.12 14.55
C SER A 188 4.80 -0.76 15.88
N PRO A 189 5.64 -1.80 15.87
CA PRO A 189 6.08 -2.43 17.12
C PRO A 189 7.36 -1.78 17.67
N CYS A 190 7.81 -0.68 17.06
CA CYS A 190 9.04 0.04 17.46
C CYS A 190 8.75 1.42 17.92
N SER A 191 7.49 1.75 18.21
CA SER A 191 7.14 3.11 18.61
C SER A 191 7.41 3.25 20.07
N MET A 192 7.71 4.45 20.51
CA MET A 192 7.75 4.73 21.95
C MET A 192 6.40 5.04 22.57
N MET A 193 5.34 5.16 21.75
CA MET A 193 4.00 5.50 22.25
C MET A 193 2.95 4.95 21.33
N ASN A 194 2.70 3.65 21.38
CA ASN A 194 1.71 3.01 20.53
C ASN A 194 0.65 2.37 21.43
N ILE A 195 -0.45 3.05 21.61
CA ILE A 195 -1.48 2.57 22.54
C ILE A 195 -2.10 1.25 22.14
N VAL A 196 -2.45 1.10 20.86
CA VAL A 196 -3.06 -0.14 20.41
C VAL A 196 -2.11 -1.33 20.70
N SER A 197 -0.85 -1.22 20.31
CA SER A 197 0.09 -2.31 20.59
CA SER A 197 0.12 -2.27 20.58
C SER A 197 0.21 -2.57 22.08
N THR A 198 0.26 -1.51 22.88
CA THR A 198 0.37 -1.61 24.33
C THR A 198 -0.79 -2.44 24.89
N LEU A 199 -2.01 -2.10 24.46
CA LEU A 199 -3.19 -2.77 24.99
C LEU A 199 -3.31 -4.17 24.44
N CYS A 200 -2.88 -4.40 23.18
CA CYS A 200 -2.84 -5.78 22.60
C CYS A 200 -1.84 -6.65 23.36
N VAL A 201 -0.71 -6.07 23.77
CA VAL A 201 0.31 -6.83 24.53
C VAL A 201 -0.26 -7.20 25.91
N TYR A 202 -0.88 -6.23 26.56
CA TYR A 202 -1.53 -6.51 27.81
C TYR A 202 -2.59 -7.60 27.67
N ALA A 203 -3.44 -7.51 26.64
CA ALA A 203 -4.49 -8.52 26.45
C ALA A 203 -3.87 -9.90 26.21
N THR A 204 -2.81 -9.92 25.41
CA THR A 204 -2.10 -11.17 25.13
C THR A 204 -1.51 -11.82 26.39
N ILE A 205 -0.89 -11.00 27.23
CA ILE A 205 -0.33 -11.50 28.46
C ILE A 205 -1.46 -12.02 29.38
N CYS A 206 -2.56 -11.28 29.47
CA CYS A 206 -3.71 -11.74 30.25
C CYS A 206 -4.20 -13.09 29.73
N LYS A 207 -4.38 -13.21 28.43
CA LYS A 207 -4.84 -14.46 27.82
C LYS A 207 -3.87 -15.60 28.13
N HIS A 208 -2.57 -15.34 27.97
CA HIS A 208 -1.54 -16.35 28.25
C HIS A 208 -1.57 -16.85 29.71
N GLU A 209 -1.92 -15.95 30.64
CA GLU A 209 -1.94 -16.24 32.07
C GLU A 209 -3.32 -16.66 32.58
N ASN A 210 -4.27 -16.89 31.66
CA ASN A 210 -5.66 -17.25 32.00
C ASN A 210 -6.31 -16.26 32.95
N LYS A 211 -6.09 -14.99 32.66
CA LYS A 211 -6.64 -13.89 33.47
C LYS A 211 -7.57 -13.05 32.62
N ALA A 212 -8.48 -12.35 33.30
CA ALA A 212 -9.38 -11.46 32.61
C ALA A 212 -8.63 -10.21 32.14
N LEU A 213 -9.21 -9.56 31.16
CA LEU A 213 -8.74 -8.23 30.73
C LEU A 213 -9.27 -7.19 31.71
N VAL A 214 -8.48 -6.89 32.73
CA VAL A 214 -8.87 -6.00 33.83
C VAL A 214 -8.51 -4.55 33.51
N TYR A 215 -9.53 -3.69 33.39
CA TYR A 215 -9.29 -2.26 33.15
C TYR A 215 -8.60 -1.64 34.37
N PRO A 216 -7.42 -1.02 34.16
CA PRO A 216 -6.68 -0.49 35.29
C PRO A 216 -6.88 1.00 35.50
N GLY A 217 -7.64 1.64 34.63
CA GLY A 217 -7.66 3.12 34.55
C GLY A 217 -8.62 3.79 35.51
N SER A 218 -8.75 5.10 35.34
CA SER A 218 -9.64 5.91 36.16
C SER A 218 -11.10 5.80 35.71
N LYS A 219 -11.98 6.17 36.62
CA LYS A 219 -13.39 6.27 36.29
C LYS A 219 -13.60 7.28 35.19
N ASN A 220 -12.96 8.44 35.32
CA ASN A 220 -13.21 9.51 34.36
C ASN A 220 -12.87 9.12 32.95
N SER A 221 -11.73 8.45 32.75
CA SER A 221 -11.28 8.06 31.44
C SER A 221 -12.10 6.90 30.88
N TRP A 222 -12.76 6.12 31.74
CA TRP A 222 -13.60 5.03 31.26
C TRP A 222 -14.82 5.60 30.57
N ASN A 223 -15.37 6.66 31.14
CA ASN A 223 -16.68 7.19 30.76
C ASN A 223 -16.69 8.41 29.89
N CYS A 224 -15.55 9.08 29.76
CA CYS A 224 -15.51 10.36 29.05
C CYS A 224 -15.48 10.17 27.56
N TYR A 225 -15.75 11.25 26.81
CA TYR A 225 -15.44 11.24 25.38
C TYR A 225 -13.95 11.45 25.14
N ALA A 226 -13.42 10.63 24.25
CA ALA A 226 -12.01 10.67 23.84
C ALA A 226 -11.91 10.68 22.33
N ASP A 227 -10.75 11.06 21.80
CA ASP A 227 -10.54 10.98 20.39
C ASP A 227 -9.13 10.47 20.08
N ALA A 228 -8.96 10.12 18.82
CA ALA A 228 -7.72 9.49 18.33
C ALA A 228 -7.58 9.71 16.86
N VAL A 229 -6.48 9.20 16.28
CA VAL A 229 -6.24 9.35 14.83
C VAL A 229 -5.55 8.11 14.32
N ASP A 230 -6.07 7.52 13.26
CA ASP A 230 -5.34 6.43 12.63
C ASP A 230 -4.06 6.94 12.03
N ALA A 231 -2.97 6.18 12.17
CA ALA A 231 -1.73 6.54 11.58
C ALA A 231 -1.83 6.78 10.08
N ASP A 232 -2.65 6.01 9.37
CA ASP A 232 -2.81 6.15 7.92
C ASP A 232 -3.49 7.49 7.59
N LEU A 233 -4.38 7.94 8.47
CA LEU A 233 -5.01 9.26 8.29
C LEU A 233 -4.03 10.39 8.54
N VAL A 234 -3.17 10.23 9.53
CA VAL A 234 -2.09 11.24 9.73
C VAL A 234 -1.19 11.30 8.48
N ALA A 235 -0.84 10.15 7.94
CA ALA A 235 -0.06 10.12 6.71
C ALA A 235 -0.78 10.86 5.58
N GLU A 236 -2.06 10.55 5.39
N GLU A 236 -2.06 10.55 5.39
CA GLU A 236 -2.86 11.21 4.35
CA GLU A 236 -2.90 11.18 4.36
C GLU A 236 -2.90 12.72 4.55
C GLU A 236 -2.95 12.71 4.55
N HIS A 237 -3.04 13.15 5.81
CA HIS A 237 -3.12 14.60 6.17
C HIS A 237 -1.80 15.32 5.92
N GLU A 238 -0.70 14.65 6.28
CA GLU A 238 0.62 15.18 6.01
C GLU A 238 0.91 15.28 4.52
N ILE A 239 0.49 14.26 3.74
CA ILE A 239 0.65 14.30 2.31
C ILE A 239 -0.22 15.40 1.66
N TRP A 240 -1.44 15.54 2.18
CA TRP A 240 -2.31 16.62 1.69
C TRP A 240 -1.64 17.99 1.84
N ALA A 241 -1.09 18.24 3.03
CA ALA A 241 -0.47 19.53 3.30
C ALA A 241 0.80 19.70 2.51
N ALA A 242 1.46 18.58 2.19
CA ALA A 242 2.67 18.59 1.40
C ALA A 242 2.45 18.91 -0.09
N VAL A 243 1.25 18.60 -0.60
CA VAL A 243 0.96 18.64 -2.03
CA VAL A 243 0.99 18.69 -2.05
C VAL A 243 -0.09 19.70 -2.43
N ASP A 244 -1.08 19.94 -1.58
CA ASP A 244 -2.16 20.86 -1.93
C ASP A 244 -1.80 22.30 -1.54
N PRO A 245 -1.71 23.23 -2.53
CA PRO A 245 -1.38 24.64 -2.20
C PRO A 245 -2.28 25.31 -1.18
N LYS A 246 -3.55 24.90 -1.13
CA LYS A 246 -4.53 25.46 -0.18
C LYS A 246 -4.12 25.26 1.26
N ALA A 247 -3.39 24.18 1.54
CA ALA A 247 -3.01 23.81 2.87
C ALA A 247 -1.66 24.37 3.33
N LYS A 248 -0.95 25.09 2.47
CA LYS A 248 0.41 25.48 2.81
C LYS A 248 0.50 26.49 3.90
N ASN A 249 1.58 26.38 4.69
CA ASN A 249 1.89 27.33 5.74
C ASN A 249 0.76 27.43 6.76
N GLN A 250 0.37 26.26 7.27
CA GLN A 250 -0.70 26.15 8.24
C GLN A 250 -0.34 25.20 9.37
N VAL A 251 -0.75 25.58 10.57
CA VAL A 251 -0.85 24.66 11.72
C VAL A 251 -2.19 23.93 11.65
N LEU A 252 -2.17 22.61 11.75
CA LEU A 252 -3.34 21.78 11.49
C LEU A 252 -3.43 20.64 12.50
N ASN A 253 -4.50 20.57 13.26
CA ASN A 253 -4.84 19.38 14.01
C ASN A 253 -5.11 18.19 13.07
N CYS A 254 -5.00 16.96 13.58
CA CYS A 254 -5.34 15.76 12.84
C CYS A 254 -5.97 14.70 13.75
N ASN A 255 -7.27 14.48 13.62
CA ASN A 255 -7.93 13.39 14.33
C ASN A 255 -8.92 12.71 13.36
N ASN A 256 -9.47 11.57 13.79
CA ASN A 256 -10.33 10.72 12.96
C ASN A 256 -11.66 11.37 12.58
N GLY A 257 -12.04 12.42 13.31
CA GLY A 257 -13.24 13.18 12.99
C GLY A 257 -14.43 12.89 13.87
N ASP A 258 -14.28 11.91 14.73
CA ASP A 258 -15.34 11.41 15.61
C ASP A 258 -14.79 11.35 17.06
N VAL A 259 -15.64 10.85 17.96
CA VAL A 259 -15.23 10.54 19.34
C VAL A 259 -15.61 9.13 19.70
N PHE A 260 -14.98 8.63 20.76
CA PHE A 260 -15.26 7.29 21.28
C PHE A 260 -15.16 7.32 22.81
N LYS A 261 -15.50 6.21 23.48
CA LYS A 261 -15.22 6.04 24.92
C LYS A 261 -14.41 4.79 25.14
N TRP A 262 -13.48 4.88 26.08
CA TRP A 262 -12.65 3.74 26.37
C TRP A 262 -13.45 2.55 26.86
N LYS A 263 -14.58 2.78 27.53
CA LYS A 263 -15.38 1.63 27.95
C LYS A 263 -15.79 0.78 26.75
N HIS A 264 -16.06 1.43 25.62
CA HIS A 264 -16.49 0.67 24.41
C HIS A 264 -15.33 -0.01 23.74
N ILE A 265 -14.20 0.69 23.66
CA ILE A 265 -12.95 0.12 23.16
C ILE A 265 -12.56 -1.12 23.96
N TRP A 266 -12.70 -1.03 25.28
CA TRP A 266 -12.30 -2.13 26.18
C TRP A 266 -13.06 -3.43 25.88
N LYS A 267 -14.38 -3.30 25.71
CA LYS A 267 -15.23 -4.42 25.35
C LYS A 267 -14.80 -5.06 24.03
N LYS A 268 -14.52 -4.24 23.04
CA LYS A 268 -14.04 -4.73 21.75
C LYS A 268 -12.67 -5.44 21.90
N LEU A 269 -11.80 -4.88 22.74
CA LEU A 269 -10.46 -5.47 22.92
C LEU A 269 -10.60 -6.86 23.53
N ALA A 270 -11.45 -7.00 24.53
CA ALA A 270 -11.63 -8.31 25.14
C ALA A 270 -12.20 -9.31 24.12
N GLU A 271 -13.17 -8.84 23.34
CA GLU A 271 -13.79 -9.70 22.33
C GLU A 271 -12.76 -10.17 21.31
N GLU A 272 -11.93 -9.23 20.90
CA GLU A 272 -10.87 -9.52 19.94
C GLU A 272 -9.88 -10.58 20.43
N PHE A 273 -9.64 -10.65 21.73
CA PHE A 273 -8.72 -11.63 22.31
C PHE A 273 -9.40 -12.83 22.93
N GLY A 274 -10.73 -12.92 22.77
CA GLY A 274 -11.48 -14.04 23.28
C GLY A 274 -11.40 -14.28 24.78
N ILE A 275 -11.33 -13.19 25.57
CA ILE A 275 -11.16 -13.27 27.00
C ILE A 275 -12.20 -12.43 27.72
N GLU A 276 -12.43 -12.76 29.00
CA GLU A 276 -13.37 -12.04 29.86
C GLU A 276 -12.88 -10.61 30.06
N MET A 277 -13.81 -9.68 30.09
CA MET A 277 -13.55 -8.29 30.45
C MET A 277 -13.92 -8.01 31.91
N VAL A 278 -13.07 -7.30 32.64
CA VAL A 278 -13.47 -6.66 33.89
C VAL A 278 -13.33 -5.19 33.66
N GLY A 279 -14.46 -4.48 33.58
CA GLY A 279 -14.46 -3.07 33.31
C GLY A 279 -14.16 -2.30 34.57
N TYR A 280 -14.33 -0.99 34.49
CA TYR A 280 -14.19 -0.14 35.64
C TYR A 280 -15.14 -0.60 36.76
N VAL A 281 -14.63 -0.66 37.99
CA VAL A 281 -15.43 -1.05 39.17
C VAL A 281 -15.63 0.18 40.02
N GLU A 282 -16.89 0.53 40.27
CA GLU A 282 -17.21 1.74 41.02
CA GLU A 282 -17.21 1.74 41.01
C GLU A 282 -16.44 1.79 42.32
N GLY A 283 -15.81 2.93 42.57
CA GLY A 283 -15.05 3.14 43.80
C GLY A 283 -13.58 2.75 43.76
N LYS A 284 -13.14 2.02 42.72
CA LYS A 284 -11.73 1.63 42.62
C LYS A 284 -10.94 2.80 42.03
N GLU A 285 -9.75 3.01 42.61
CA GLU A 285 -8.85 4.02 42.10
C GLU A 285 -8.04 3.36 40.99
N GLN A 286 -7.60 4.19 40.06
CA GLN A 286 -6.67 3.76 39.02
C GLN A 286 -5.46 3.06 39.65
N VAL A 287 -4.98 2.01 38.99
CA VAL A 287 -3.74 1.35 39.33
C VAL A 287 -2.80 1.49 38.14
N SER A 288 -1.51 1.32 38.40
CA SER A 288 -0.48 1.49 37.37
C SER A 288 -0.35 0.22 36.53
N LEU A 289 -0.64 0.33 35.26
CA LEU A 289 -0.39 -0.75 34.31
C LEU A 289 1.12 -1.00 34.16
N ALA A 290 1.92 0.07 34.20
CA ALA A 290 3.38 -0.10 34.20
C ALA A 290 3.81 -1.01 35.34
N GLU A 291 3.26 -0.79 36.55
CA GLU A 291 3.59 -1.65 37.71
C GLU A 291 3.07 -3.09 37.54
N LEU A 292 1.86 -3.26 37.01
CA LEU A 292 1.34 -4.61 36.75
C LEU A 292 2.26 -5.38 35.82
N MET A 293 2.88 -4.66 34.87
CA MET A 293 3.67 -5.30 33.82
C MET A 293 5.17 -5.29 34.04
N LYS A 294 5.64 -4.75 35.15
CA LYS A 294 7.09 -4.48 35.32
C LYS A 294 7.98 -5.71 35.28
N ASP A 295 7.46 -6.87 35.67
CA ASP A 295 8.27 -8.09 35.64
C ASP A 295 7.94 -9.05 34.49
N LYS A 296 7.34 -8.55 33.40
CA LYS A 296 6.82 -9.43 32.36
C LYS A 296 7.71 -9.60 31.14
N ASP A 297 8.94 -9.08 31.16
CA ASP A 297 9.81 -9.16 29.97
C ASP A 297 10.01 -10.61 29.52
N GLN A 298 10.32 -11.50 30.46
CA GLN A 298 10.51 -12.90 30.12
C GLN A 298 9.22 -13.62 29.65
N VAL A 299 8.07 -13.25 30.23
CA VAL A 299 6.78 -13.77 29.77
C VAL A 299 6.56 -13.37 28.30
N TRP A 300 6.84 -12.11 27.98
CA TRP A 300 6.67 -11.63 26.62
C TRP A 300 7.63 -12.41 25.66
N ASP A 301 8.88 -12.60 26.07
CA ASP A 301 9.81 -13.41 25.27
C ASP A 301 9.23 -14.79 24.96
N GLU A 302 8.62 -15.43 25.96
CA GLU A 302 8.04 -16.78 25.78
C GLU A 302 6.85 -16.77 24.86
N ILE A 303 6.03 -15.72 24.97
CA ILE A 303 4.87 -15.54 24.07
C ILE A 303 5.32 -15.40 22.61
N VAL A 304 6.37 -14.61 22.40
CA VAL A 304 6.96 -14.43 21.08
C VAL A 304 7.38 -15.77 20.49
N LYS A 305 8.08 -16.56 21.30
CA LYS A 305 8.57 -17.86 20.83
C LYS A 305 7.44 -18.84 20.54
N LYS A 306 6.50 -18.93 21.50
CA LYS A 306 5.41 -19.89 21.37
C LYS A 306 4.51 -19.62 20.17
N ASN A 307 4.33 -18.35 19.83
CA ASN A 307 3.44 -17.93 18.74
C ASN A 307 4.19 -17.60 17.44
N ASN A 308 5.49 -17.81 17.47
CA ASN A 308 6.35 -17.47 16.33
C ASN A 308 6.09 -16.05 15.82
N LEU A 309 6.18 -15.09 16.74
CA LEU A 309 6.01 -13.68 16.39
C LEU A 309 7.32 -13.07 15.92
N VAL A 310 7.20 -11.94 15.26
CA VAL A 310 8.35 -11.08 15.00
C VAL A 310 8.99 -10.80 16.36
N PRO A 311 10.33 -11.01 16.48
CA PRO A 311 10.92 -10.79 17.80
C PRO A 311 10.91 -9.35 18.23
N THR A 312 10.28 -9.09 19.37
CA THR A 312 10.21 -7.73 19.95
C THR A 312 10.50 -7.86 21.43
N LYS A 313 11.09 -6.82 22.01
CA LYS A 313 11.30 -6.70 23.42
C LYS A 313 10.06 -6.00 23.97
N LEU A 314 9.65 -6.40 25.17
CA LEU A 314 8.44 -5.87 25.79
C LEU A 314 8.48 -4.34 25.87
N LYS A 315 9.61 -3.78 26.27
CA LYS A 315 9.73 -2.32 26.48
C LYS A 315 9.67 -1.52 25.19
N GLU A 316 9.92 -2.18 24.06
N GLU A 316 9.93 -2.18 24.06
CA GLU A 316 9.87 -1.53 22.79
CA GLU A 316 9.90 -1.54 22.78
C GLU A 316 8.49 -1.63 22.15
C GLU A 316 8.51 -1.64 22.14
N ILE A 317 7.85 -2.81 22.21
CA ILE A 317 6.52 -2.98 21.59
C ILE A 317 5.43 -2.29 22.42
N ALA A 318 5.59 -2.22 23.74
CA ALA A 318 4.56 -1.66 24.60
C ALA A 318 5.11 -0.47 25.36
N ALA A 319 4.21 0.44 25.65
CA ALA A 319 4.47 1.63 26.48
C ALA A 319 3.38 1.72 27.55
N PHE A 320 3.50 0.88 28.58
CA PHE A 320 2.46 0.83 29.62
C PHE A 320 2.29 2.16 30.32
N TRP A 321 3.39 2.86 30.56
CA TRP A 321 3.36 4.22 31.13
C TRP A 321 2.44 5.19 30.37
N PHE A 322 2.39 5.01 29.04
CA PHE A 322 1.63 5.86 28.14
C PHE A 322 0.13 5.52 28.25
N ALA A 323 -0.20 4.25 28.40
CA ALA A 323 -1.58 3.84 28.71
C ALA A 323 -2.02 4.43 30.05
N ASP A 324 -1.14 4.44 31.05
CA ASP A 324 -1.47 5.02 32.34
C ASP A 324 -1.85 6.51 32.23
N ILE A 325 -1.13 7.27 31.40
CA ILE A 325 -1.49 8.67 31.13
C ILE A 325 -2.85 8.77 30.39
N ALA A 326 -3.04 7.99 29.36
CA ALA A 326 -4.31 7.97 28.64
C ALA A 326 -5.47 7.72 29.62
N PHE A 327 -5.27 6.81 30.54
CA PHE A 327 -6.32 6.41 31.46
C PHE A 327 -6.50 7.30 32.67
N CYS A 328 -5.80 8.42 32.74
CA CYS A 328 -6.17 9.51 33.65
C CYS A 328 -6.38 10.82 32.91
N SER A 329 -6.66 10.74 31.62
CA SER A 329 -6.89 11.92 30.80
C SER A 329 -8.39 12.09 30.52
N GLU A 330 -8.83 13.34 30.46
N GLU A 330 -8.80 13.34 30.48
CA GLU A 330 -10.19 13.70 30.00
CA GLU A 330 -10.14 13.69 30.12
C GLU A 330 -10.14 15.13 29.40
C GLU A 330 -10.04 15.07 29.50
N ASN A 331 -11.19 15.53 28.65
N ASN A 331 -11.07 15.40 28.73
CA ASN A 331 -11.28 16.90 28.11
CA ASN A 331 -11.23 16.76 28.21
C ASN A 331 -10.17 17.23 27.16
C ASN A 331 -10.15 17.19 27.21
N LEU A 332 -9.74 16.26 26.37
CA LEU A 332 -8.65 16.48 25.42
C LEU A 332 -9.10 16.47 23.98
N ILE A 333 -10.40 16.57 23.72
CA ILE A 333 -10.91 16.53 22.35
C ILE A 333 -10.32 17.72 21.53
N SER A 334 -9.90 17.42 20.32
CA SER A 334 -9.44 18.44 19.38
C SER A 334 -10.39 18.62 18.20
N SER A 335 -10.35 19.81 17.61
CA SER A 335 -11.23 20.12 16.48
C SER A 335 -10.58 19.88 15.13
N MET A 336 -11.34 19.32 14.19
CA MET A 336 -10.91 19.20 12.81
C MET A 336 -11.55 20.22 11.89
N ASN A 337 -12.24 21.19 12.45
CA ASN A 337 -12.91 22.17 11.59
C ASN A 337 -11.97 22.89 10.64
N LYS A 338 -10.80 23.30 11.11
CA LYS A 338 -9.88 24.09 10.25
C LYS A 338 -9.49 23.26 9.00
N SER A 339 -9.11 22.02 9.22
CA SER A 339 -8.76 21.16 8.11
C SER A 339 -9.95 20.96 7.16
N LYS A 340 -11.12 20.70 7.72
CA LYS A 340 -12.29 20.50 6.89
C LYS A 340 -12.62 21.74 6.08
N GLU A 341 -12.52 22.91 6.70
N GLU A 341 -12.53 22.92 6.70
CA GLU A 341 -12.82 24.17 6.04
CA GLU A 341 -12.83 24.17 6.03
C GLU A 341 -11.82 24.50 4.94
C GLU A 341 -11.82 24.50 4.93
N LEU A 342 -10.61 23.95 5.05
CA LEU A 342 -9.60 24.04 3.98
C LEU A 342 -9.74 22.94 2.90
N GLY A 343 -10.69 22.02 3.09
CA GLY A 343 -11.04 21.01 2.09
C GLY A 343 -10.54 19.59 2.34
N PHE A 344 -9.90 19.35 3.49
CA PHE A 344 -9.50 18.01 3.86
C PHE A 344 -10.65 17.29 4.56
N LEU A 345 -11.27 16.34 3.87
CA LEU A 345 -12.44 15.65 4.42
C LEU A 345 -12.12 14.19 4.75
N GLY A 346 -10.82 13.84 4.89
CA GLY A 346 -10.45 12.51 5.34
C GLY A 346 -10.93 12.26 6.75
N PHE A 347 -11.34 11.03 7.02
CA PHE A 347 -11.84 10.63 8.34
C PHE A 347 -11.62 9.15 8.54
N ARG A 348 -11.79 8.66 9.78
CA ARG A 348 -11.97 7.23 10.05
C ARG A 348 -13.02 7.07 11.13
N ASN A 349 -13.71 5.97 11.08
CA ASN A 349 -14.52 5.47 12.20
C ASN A 349 -13.54 4.96 13.25
N SER A 350 -13.50 5.60 14.41
CA SER A 350 -12.46 5.24 15.39
C SER A 350 -12.56 3.84 15.94
N MET A 351 -13.78 3.32 16.10
CA MET A 351 -13.95 1.94 16.55
CA MET A 351 -13.92 1.93 16.53
C MET A 351 -13.38 0.99 15.48
N LYS A 352 -13.68 1.27 14.22
CA LYS A 352 -13.13 0.47 13.11
C LYS A 352 -11.61 0.63 12.97
N SER A 353 -11.10 1.81 13.27
CA SER A 353 -9.67 2.12 13.21
C SER A 353 -8.93 1.32 14.27
N PHE A 354 -9.48 1.25 15.47
CA PHE A 354 -8.87 0.47 16.56
C PHE A 354 -8.75 -1.02 16.16
N VAL A 355 -9.83 -1.57 15.62
CA VAL A 355 -9.85 -2.95 15.15
C VAL A 355 -8.94 -3.17 13.96
N SER A 356 -8.91 -2.23 13.02
CA SER A 356 -8.00 -2.30 11.89
CA SER A 356 -7.98 -2.29 11.89
C SER A 356 -6.54 -2.40 12.36
N CYS A 357 -6.18 -1.66 13.41
CA CYS A 357 -4.83 -1.73 13.93
C CYS A 357 -4.55 -3.08 14.59
N ILE A 358 -5.48 -3.62 15.35
CA ILE A 358 -5.33 -4.99 15.88
C ILE A 358 -5.10 -6.01 14.73
N ASP A 359 -5.98 -5.94 13.73
CA ASP A 359 -5.93 -6.83 12.60
C ASP A 359 -4.55 -6.73 11.92
N LYS A 360 -4.04 -5.52 11.77
CA LYS A 360 -2.80 -5.32 11.05
C LYS A 360 -1.63 -5.88 11.85
N MET A 361 -1.62 -5.61 13.15
N MET A 361 -1.61 -5.62 13.15
CA MET A 361 -0.53 -6.14 13.98
CA MET A 361 -0.53 -6.15 13.98
C MET A 361 -0.52 -7.66 14.02
C MET A 361 -0.53 -7.67 14.02
N ARG A 362 -1.71 -8.28 13.96
CA ARG A 362 -1.79 -9.74 13.83
C ARG A 362 -1.34 -10.24 12.47
N ASP A 363 -1.78 -9.56 11.42
CA ASP A 363 -1.39 -9.87 10.05
C ASP A 363 0.15 -9.89 9.91
N TYR A 364 0.79 -8.86 10.49
CA TYR A 364 2.22 -8.69 10.41
C TYR A 364 2.99 -9.55 11.45
N ARG A 365 2.25 -10.32 12.27
CA ARG A 365 2.81 -11.25 13.25
C ARG A 365 3.55 -10.54 14.38
N PHE A 366 3.11 -9.32 14.70
CA PHE A 366 3.63 -8.62 15.88
C PHE A 366 2.91 -9.12 17.15
N ILE A 367 1.66 -9.52 17.00
N ILE A 367 1.65 -9.51 17.01
CA ILE A 367 0.79 -9.94 18.10
CA ILE A 367 0.86 -10.01 18.13
C ILE A 367 0.13 -11.24 17.65
C ILE A 367 0.15 -11.26 17.67
N PRO A 368 -0.18 -12.18 18.59
CA PRO A 368 -0.90 -13.37 18.19
C PRO A 368 -2.40 -13.10 17.88
N GLY B 3 -40.56 -14.53 -10.91
CA GLY B 3 -39.74 -15.57 -11.62
C GLY B 3 -38.74 -16.28 -10.74
N VAL B 4 -37.91 -17.13 -11.34
CA VAL B 4 -36.93 -17.93 -10.59
C VAL B 4 -35.53 -17.36 -10.72
N CYS B 5 -34.73 -17.64 -9.70
CA CYS B 5 -33.31 -17.30 -9.69
CA CYS B 5 -33.30 -17.29 -9.71
C CYS B 5 -32.59 -18.10 -10.80
N LYS B 6 -31.71 -17.44 -11.55
CA LYS B 6 -30.83 -18.14 -12.49
C LYS B 6 -29.95 -19.21 -11.82
N SER B 7 -29.70 -20.29 -12.55
CA SER B 7 -28.86 -21.38 -12.13
C SER B 7 -27.52 -21.22 -12.85
N TYR B 8 -26.45 -21.54 -12.16
CA TYR B 8 -25.10 -21.53 -12.74
C TYR B 8 -24.41 -22.80 -12.35
N LYS B 9 -23.50 -23.23 -13.20
CA LYS B 9 -22.68 -24.40 -12.90
C LYS B 9 -21.55 -23.98 -11.97
N SER B 10 -20.97 -22.81 -12.23
CA SER B 10 -19.81 -22.32 -11.48
C SER B 10 -19.98 -20.84 -11.19
N VAL B 11 -19.35 -20.37 -10.13
CA VAL B 11 -19.45 -18.97 -9.69
C VAL B 11 -18.06 -18.46 -9.38
N ALA B 12 -17.60 -17.51 -10.21
CA ALA B 12 -16.27 -16.95 -10.12
C ALA B 12 -16.22 -15.71 -9.27
N LEU B 13 -15.22 -15.62 -8.41
CA LEU B 13 -14.82 -14.36 -7.80
C LEU B 13 -13.53 -13.91 -8.48
N VAL B 14 -13.62 -12.87 -9.30
CA VAL B 14 -12.48 -12.30 -10.00
C VAL B 14 -12.00 -11.11 -9.20
N VAL B 15 -10.87 -11.29 -8.51
CA VAL B 15 -10.30 -10.23 -7.69
C VAL B 15 -9.30 -9.46 -8.51
N GLY B 16 -9.70 -8.26 -8.91
CA GLY B 16 -8.98 -7.42 -9.86
C GLY B 16 -9.62 -7.37 -11.24
N VAL B 17 -10.93 -7.15 -11.27
CA VAL B 17 -11.71 -7.27 -12.49
C VAL B 17 -11.41 -6.19 -13.54
N THR B 18 -10.89 -5.05 -13.09
CA THR B 18 -10.48 -3.97 -13.96
C THR B 18 -9.07 -4.14 -14.50
N GLY B 19 -8.36 -5.15 -14.01
CA GLY B 19 -6.95 -5.34 -14.38
C GLY B 19 -6.81 -5.94 -15.76
N ILE B 20 -5.56 -6.08 -16.20
CA ILE B 20 -5.30 -6.60 -17.53
C ILE B 20 -5.74 -8.03 -17.79
N VAL B 21 -5.69 -8.88 -16.77
CA VAL B 21 -6.26 -10.24 -16.88
C VAL B 21 -7.69 -10.30 -16.36
N GLY B 22 -8.00 -9.59 -15.28
CA GLY B 22 -9.35 -9.62 -14.73
C GLY B 22 -10.38 -9.21 -15.77
N SER B 23 -10.06 -8.21 -16.57
CA SER B 23 -11.00 -7.67 -17.55
C SER B 23 -11.26 -8.70 -18.67
N SER B 24 -10.24 -9.48 -19.01
CA SER B 24 -10.39 -10.57 -19.96
C SER B 24 -11.20 -11.74 -19.36
N LEU B 25 -10.93 -12.11 -18.13
CA LEU B 25 -11.82 -13.10 -17.42
C LEU B 25 -13.28 -12.67 -17.47
N ALA B 26 -13.54 -11.39 -17.31
CA ALA B 26 -14.93 -10.85 -17.32
C ALA B 26 -15.61 -11.14 -18.65
N GLU B 27 -14.82 -11.24 -19.73
CA GLU B 27 -15.36 -11.60 -21.05
C GLU B 27 -15.37 -13.09 -21.27
N VAL B 28 -14.23 -13.73 -21.03
CA VAL B 28 -14.07 -15.16 -21.36
C VAL B 28 -15.01 -16.05 -20.52
N LEU B 29 -15.17 -15.74 -19.23
CA LEU B 29 -16.06 -16.54 -18.37
C LEU B 29 -17.52 -16.54 -18.84
N LYS B 30 -17.93 -15.52 -19.58
CA LYS B 30 -19.34 -15.40 -20.05
C LYS B 30 -19.60 -15.98 -21.41
N LEU B 31 -18.59 -16.53 -22.09
CA LEU B 31 -18.81 -17.20 -23.36
C LEU B 31 -19.51 -18.53 -23.19
N PRO B 32 -20.38 -18.90 -24.14
CA PRO B 32 -21.18 -20.10 -23.95
C PRO B 32 -20.38 -21.39 -23.86
N ASP B 33 -19.26 -21.51 -24.56
CA ASP B 33 -18.51 -22.77 -24.57
C ASP B 33 -17.38 -22.81 -23.57
N THR B 34 -17.27 -21.81 -22.72
CA THR B 34 -16.19 -21.81 -21.75
C THR B 34 -16.31 -22.97 -20.76
N PRO B 35 -15.23 -23.71 -20.52
CA PRO B 35 -15.28 -24.79 -19.53
C PRO B 35 -15.77 -24.34 -18.16
N GLY B 36 -16.60 -25.20 -17.54
CA GLY B 36 -17.22 -24.90 -16.23
C GLY B 36 -18.48 -24.07 -16.30
N GLY B 37 -18.87 -23.63 -17.50
CA GLY B 37 -20.03 -22.79 -17.66
C GLY B 37 -21.37 -23.50 -17.55
N PRO B 38 -22.46 -22.76 -17.35
CA PRO B 38 -22.47 -21.30 -17.30
C PRO B 38 -21.93 -20.73 -16.00
N TRP B 39 -21.19 -19.63 -16.12
CA TRP B 39 -20.53 -18.95 -15.00
C TRP B 39 -21.30 -17.70 -14.59
N LYS B 40 -21.44 -17.52 -13.28
CA LYS B 40 -21.75 -16.24 -12.70
C LYS B 40 -20.43 -15.61 -12.33
N VAL B 41 -20.31 -14.29 -12.56
CA VAL B 41 -19.07 -13.59 -12.28
C VAL B 41 -19.28 -12.43 -11.32
N TYR B 42 -18.66 -12.53 -10.15
CA TYR B 42 -18.43 -11.39 -9.27
C TYR B 42 -17.08 -10.77 -9.63
N GLY B 43 -17.05 -9.44 -9.80
CA GLY B 43 -15.76 -8.77 -10.10
C GLY B 43 -15.47 -7.74 -9.06
N VAL B 44 -14.31 -7.88 -8.41
CA VAL B 44 -13.91 -6.98 -7.34
C VAL B 44 -12.80 -6.05 -7.84
N ALA B 45 -12.92 -4.77 -7.49
CA ALA B 45 -11.82 -3.80 -7.61
C ALA B 45 -12.10 -2.66 -6.65
N ARG B 46 -11.11 -1.78 -6.45
N ARG B 46 -11.12 -1.78 -6.45
CA ARG B 46 -11.20 -0.74 -5.43
CA ARG B 46 -11.25 -0.76 -5.43
C ARG B 46 -11.98 0.49 -5.92
C ARG B 46 -12.00 0.49 -5.93
N ARG B 47 -11.74 0.86 -7.19
CA ARG B 47 -12.37 2.03 -7.78
C ARG B 47 -13.86 1.79 -8.01
N PRO B 48 -14.64 2.87 -8.13
CA PRO B 48 -16.01 2.70 -8.60
C PRO B 48 -16.00 2.05 -9.98
N CYS B 49 -17.03 1.27 -10.29
CA CYS B 49 -17.08 0.57 -11.58
C CYS B 49 -16.90 1.57 -12.74
N PRO B 50 -15.89 1.37 -13.58
CA PRO B 50 -15.75 2.31 -14.73
C PRO B 50 -16.83 2.12 -15.78
N VAL B 51 -17.03 3.16 -16.57
CA VAL B 51 -18.07 3.16 -17.59
C VAL B 51 -17.86 1.97 -18.54
N TRP B 52 -16.60 1.67 -18.86
CA TRP B 52 -16.29 0.57 -19.80
C TRP B 52 -16.51 -0.85 -19.26
N LEU B 53 -16.81 -1.01 -17.96
N LEU B 53 -16.78 -1.03 -17.96
CA LEU B 53 -17.21 -2.31 -17.38
CA LEU B 53 -17.16 -2.33 -17.39
C LEU B 53 -18.67 -2.42 -17.01
C LEU B 53 -18.65 -2.42 -16.99
N ALA B 54 -19.35 -1.29 -16.90
CA ALA B 54 -20.74 -1.26 -16.47
C ALA B 54 -21.71 -1.91 -17.48
N LYS B 55 -21.26 -2.12 -18.70
CA LYS B 55 -22.14 -2.78 -19.67
C LYS B 55 -21.76 -4.26 -19.89
N LYS B 56 -21.00 -4.83 -18.97
CA LYS B 56 -20.70 -6.26 -18.96
C LYS B 56 -21.55 -6.96 -17.89
N PRO B 57 -21.92 -8.24 -18.13
CA PRO B 57 -22.78 -9.01 -17.20
C PRO B 57 -21.92 -9.60 -16.09
N VAL B 58 -21.32 -8.70 -15.33
CA VAL B 58 -20.47 -9.00 -14.18
C VAL B 58 -21.09 -8.26 -12.99
N GLU B 59 -21.19 -8.91 -11.84
CA GLU B 59 -21.67 -8.27 -10.63
CA GLU B 59 -21.69 -8.26 -10.62
C GLU B 59 -20.50 -7.58 -9.95
N TYR B 60 -20.46 -6.26 -10.06
CA TYR B 60 -19.27 -5.49 -9.61
C TYR B 60 -19.38 -5.22 -8.12
N ILE B 61 -18.29 -5.53 -7.42
CA ILE B 61 -18.18 -5.25 -6.01
C ILE B 61 -17.01 -4.30 -5.78
N GLN B 62 -17.32 -3.08 -5.40
CA GLN B 62 -16.31 -2.08 -5.08
C GLN B 62 -15.83 -2.39 -3.65
N CYS B 63 -14.56 -2.71 -3.49
CA CYS B 63 -14.03 -3.10 -2.21
C CYS B 63 -12.56 -2.84 -2.17
N ASP B 64 -12.09 -2.16 -1.12
CA ASP B 64 -10.64 -2.11 -0.84
C ASP B 64 -10.24 -3.40 -0.13
N VAL B 65 -9.67 -4.34 -0.89
CA VAL B 65 -9.33 -5.63 -0.33
C VAL B 65 -8.14 -5.63 0.62
N SER B 66 -7.48 -4.50 0.71
CA SER B 66 -6.46 -4.31 1.78
C SER B 66 -7.05 -4.01 3.16
N ASN B 67 -8.35 -3.76 3.22
CA ASN B 67 -9.10 -3.50 4.44
C ASN B 67 -9.87 -4.76 4.87
N ASN B 68 -9.42 -5.39 5.96
CA ASN B 68 -10.00 -6.67 6.40
CA ASN B 68 -9.96 -6.69 6.48
C ASN B 68 -11.49 -6.56 6.73
N GLN B 69 -11.89 -5.56 7.49
CA GLN B 69 -13.31 -5.43 7.90
C GLN B 69 -14.20 -5.19 6.70
N GLU B 70 -13.73 -4.36 5.79
CA GLU B 70 -14.51 -4.05 4.57
C GLU B 70 -14.66 -5.28 3.71
N THR B 71 -13.58 -6.02 3.54
CA THR B 71 -13.59 -7.22 2.72
C THR B 71 -14.51 -8.31 3.30
N ILE B 72 -14.46 -8.50 4.61
CA ILE B 72 -15.43 -9.38 5.32
C ILE B 72 -16.86 -8.91 5.03
N SER B 73 -17.12 -7.63 5.20
CA SER B 73 -18.47 -7.09 5.03
CA SER B 73 -18.47 -7.09 5.04
C SER B 73 -19.00 -7.31 3.61
N LYS B 74 -18.13 -7.14 2.61
CA LYS B 74 -18.57 -7.20 1.21
C LYS B 74 -18.54 -8.58 0.60
N LEU B 75 -17.61 -9.44 1.04
CA LEU B 75 -17.49 -10.77 0.44
C LEU B 75 -18.15 -11.91 1.23
N SER B 76 -18.27 -11.78 2.52
CA SER B 76 -18.91 -12.85 3.36
C SER B 76 -20.34 -13.21 2.96
N PRO B 77 -21.14 -12.25 2.42
CA PRO B 77 -22.44 -12.63 1.92
C PRO B 77 -22.49 -13.52 0.66
N LEU B 78 -21.37 -13.69 -0.03
CA LEU B 78 -21.35 -14.37 -1.32
C LEU B 78 -21.15 -15.87 -1.08
N LYS B 79 -22.24 -16.53 -0.71
CA LYS B 79 -22.22 -17.93 -0.25
C LYS B 79 -21.99 -18.92 -1.42
N ASP B 80 -22.17 -18.46 -2.64
CA ASP B 80 -22.22 -19.34 -3.80
C ASP B 80 -20.91 -19.46 -4.59
N ILE B 81 -19.85 -18.77 -4.17
CA ILE B 81 -18.55 -18.77 -4.89
C ILE B 81 -18.00 -20.21 -4.96
N THR B 82 -17.59 -20.63 -6.15
CA THR B 82 -16.99 -21.95 -6.35
C THR B 82 -15.51 -21.83 -6.70
N HIS B 83 -15.09 -20.72 -7.34
CA HIS B 83 -13.71 -20.58 -7.86
C HIS B 83 -13.27 -19.14 -7.64
N ILE B 84 -12.09 -18.95 -7.03
CA ILE B 84 -11.49 -17.64 -6.87
C ILE B 84 -10.36 -17.49 -7.87
N PHE B 85 -10.33 -16.33 -8.55
CA PHE B 85 -9.24 -15.96 -9.49
C PHE B 85 -8.62 -14.70 -8.93
N TYR B 86 -7.44 -14.84 -8.31
CA TYR B 86 -6.75 -13.70 -7.68
C TYR B 86 -5.77 -13.11 -8.69
N VAL B 87 -6.20 -12.02 -9.31
CA VAL B 87 -5.50 -11.38 -10.41
C VAL B 87 -5.26 -9.89 -10.09
N SER B 88 -4.74 -9.66 -8.88
CA SER B 88 -4.52 -8.34 -8.35
CA SER B 88 -4.50 -8.32 -8.37
C SER B 88 -3.14 -8.21 -7.74
N TRP B 89 -2.72 -6.99 -7.59
CA TRP B 89 -1.58 -6.60 -6.72
C TRP B 89 -1.80 -5.17 -6.31
N ILE B 90 -1.05 -4.69 -5.33
CA ILE B 90 -1.36 -3.38 -4.74
C ILE B 90 -0.74 -2.22 -5.55
N GLY B 91 0.22 -2.53 -6.42
CA GLY B 91 0.88 -1.53 -7.24
C GLY B 91 2.24 -1.09 -6.70
N SER B 92 2.70 -1.79 -5.66
CA SER B 92 4.09 -1.72 -5.19
C SER B 92 4.60 -3.15 -4.94
N GLU B 93 5.89 -3.24 -4.67
CA GLU B 93 6.56 -4.51 -4.33
C GLU B 93 6.47 -4.89 -2.85
N ASP B 94 5.76 -4.11 -2.05
CA ASP B 94 5.69 -4.35 -0.59
C ASP B 94 5.10 -5.72 -0.30
N CYS B 95 5.88 -6.56 0.37
CA CYS B 95 5.45 -7.95 0.61
C CYS B 95 4.27 -8.02 1.57
N GLN B 96 4.29 -7.20 2.62
CA GLN B 96 3.22 -7.24 3.64
C GLN B 96 1.89 -6.76 3.04
N THR B 97 1.90 -5.63 2.32
CA THR B 97 0.62 -5.08 1.86
C THR B 97 0.01 -5.93 0.77
N ASN B 98 0.82 -6.53 -0.10
CA ASN B 98 0.29 -7.48 -1.07
C ASN B 98 -0.28 -8.75 -0.39
N ALA B 99 0.42 -9.22 0.64
CA ALA B 99 -0.03 -10.42 1.34
C ALA B 99 -1.33 -10.17 2.07
N THR B 100 -1.50 -8.97 2.66
CA THR B 100 -2.75 -8.62 3.33
C THR B 100 -3.94 -8.74 2.39
N MET B 101 -3.82 -8.22 1.18
CA MET B 101 -4.90 -8.31 0.20
C MET B 101 -5.36 -9.76 -0.01
N PHE B 102 -4.42 -10.65 -0.24
CA PHE B 102 -4.77 -12.05 -0.57
C PHE B 102 -5.32 -12.78 0.65
N LYS B 103 -4.71 -12.58 1.81
CA LYS B 103 -5.24 -13.18 3.05
C LYS B 103 -6.66 -12.72 3.27
N ASN B 104 -6.96 -11.45 3.00
CA ASN B 104 -8.30 -10.94 3.29
C ASN B 104 -9.33 -11.59 2.38
N ILE B 105 -8.97 -11.86 1.13
CA ILE B 105 -9.88 -12.59 0.20
C ILE B 105 -10.19 -13.97 0.74
N LEU B 106 -9.14 -14.69 1.08
CA LEU B 106 -9.33 -16.07 1.55
C LEU B 106 -10.06 -16.14 2.87
N ASN B 107 -9.68 -15.27 3.82
CA ASN B 107 -10.34 -15.27 5.12
C ASN B 107 -11.80 -14.86 5.08
N SER B 108 -12.19 -14.06 4.07
CA SER B 108 -13.58 -13.63 3.92
CA SER B 108 -13.56 -13.61 3.89
C SER B 108 -14.44 -14.62 3.15
N VAL B 109 -13.84 -15.41 2.28
CA VAL B 109 -14.60 -16.33 1.40
C VAL B 109 -14.59 -17.77 1.92
N ILE B 110 -13.42 -18.28 2.37
CA ILE B 110 -13.36 -19.70 2.75
C ILE B 110 -14.41 -20.10 3.80
N PRO B 111 -14.63 -19.29 4.86
CA PRO B 111 -15.65 -19.67 5.84
C PRO B 111 -17.10 -19.55 5.39
N ASN B 112 -17.35 -18.85 4.29
CA ASN B 112 -18.69 -18.55 3.84
C ASN B 112 -19.17 -19.24 2.58
N ALA B 113 -18.26 -19.63 1.71
CA ALA B 113 -18.61 -20.27 0.44
C ALA B 113 -18.47 -21.80 0.57
N SER B 114 -19.54 -22.47 0.97
CA SER B 114 -19.49 -23.90 1.29
C SER B 114 -19.20 -24.81 0.10
N ASN B 115 -19.39 -24.33 -1.14
CA ASN B 115 -19.09 -25.11 -2.34
CA ASN B 115 -19.08 -25.13 -2.33
C ASN B 115 -17.82 -24.61 -3.02
N LEU B 116 -16.99 -23.88 -2.28
CA LEU B 116 -15.72 -23.41 -2.85
C LEU B 116 -14.85 -24.64 -3.22
N GLN B 117 -14.23 -24.59 -4.40
CA GLN B 117 -13.47 -25.71 -4.95
CA GLN B 117 -13.46 -25.70 -4.92
C GLN B 117 -11.99 -25.39 -5.13
N HIS B 118 -11.72 -24.21 -5.65
CA HIS B 118 -10.41 -23.90 -6.23
C HIS B 118 -10.01 -22.45 -6.04
N VAL B 119 -8.71 -22.25 -5.79
CA VAL B 119 -8.10 -20.92 -5.77
C VAL B 119 -6.98 -20.84 -6.83
N CYS B 120 -7.15 -19.93 -7.77
CA CYS B 120 -6.14 -19.58 -8.81
CA CYS B 120 -6.16 -19.60 -8.77
C CYS B 120 -5.42 -18.34 -8.33
N LEU B 121 -4.10 -18.45 -8.20
CA LEU B 121 -3.24 -17.32 -7.82
C LEU B 121 -2.41 -16.94 -9.04
N GLN B 122 -2.54 -15.71 -9.54
CA GLN B 122 -1.66 -15.20 -10.60
C GLN B 122 -0.47 -14.44 -10.02
N THR B 123 0.73 -14.92 -10.35
CA THR B 123 1.96 -14.22 -10.09
C THR B 123 2.61 -13.92 -11.43
N GLY B 124 3.80 -14.42 -11.75
CA GLY B 124 4.49 -14.01 -12.94
C GLY B 124 5.86 -14.56 -13.07
N ILE B 125 6.48 -14.28 -14.22
CA ILE B 125 7.84 -14.72 -14.50
C ILE B 125 8.88 -14.00 -13.64
N LYS B 126 8.52 -12.91 -12.94
CA LYS B 126 9.46 -12.35 -11.98
C LYS B 126 9.80 -13.30 -10.82
N HIS B 127 9.05 -14.37 -10.67
CA HIS B 127 9.52 -15.46 -9.79
C HIS B 127 10.94 -15.93 -10.07
N TYR B 128 11.37 -15.82 -11.33
CA TYR B 128 12.59 -16.47 -11.77
C TYR B 128 13.81 -15.59 -11.80
N PHE B 129 13.63 -14.28 -11.56
CA PHE B 129 14.76 -13.37 -11.67
C PHE B 129 14.58 -12.13 -10.76
N ALA B 130 15.65 -11.37 -10.61
CA ALA B 130 15.64 -10.16 -9.74
C ALA B 130 16.11 -8.90 -10.48
N PRO B 140 20.33 -15.18 -9.59
CA PRO B 140 19.26 -15.11 -10.59
C PRO B 140 19.35 -16.23 -11.64
N HIS B 141 18.21 -16.79 -12.01
CA HIS B 141 18.22 -18.03 -12.79
C HIS B 141 18.42 -17.74 -14.27
N ASP B 142 19.10 -18.67 -14.97
CA ASP B 142 19.05 -18.75 -16.44
C ASP B 142 17.73 -19.34 -16.93
N SER B 143 17.41 -19.01 -18.18
CA SER B 143 16.22 -19.30 -18.94
C SER B 143 16.57 -20.32 -20.05
N PRO B 144 15.59 -20.93 -20.76
CA PRO B 144 14.14 -20.82 -20.56
C PRO B 144 13.65 -21.25 -19.19
N PHE B 145 12.86 -20.39 -18.56
CA PHE B 145 12.42 -20.62 -17.21
C PHE B 145 11.39 -21.74 -17.16
N THR B 146 11.66 -22.70 -16.28
CA THR B 146 10.79 -23.83 -16.03
C THR B 146 10.31 -23.83 -14.56
N GLU B 147 9.17 -24.48 -14.36
CA GLU B 147 8.47 -24.47 -13.07
C GLU B 147 9.19 -25.31 -11.99
N ASP B 148 10.26 -26.00 -12.34
CA ASP B 148 11.04 -26.71 -11.31
C ASP B 148 12.12 -25.80 -10.68
N LEU B 149 12.29 -24.55 -11.13
CA LEU B 149 13.38 -23.71 -10.63
C LEU B 149 13.08 -23.27 -9.21
N PRO B 150 14.10 -23.36 -8.32
CA PRO B 150 13.83 -22.97 -6.94
C PRO B 150 13.69 -21.48 -6.76
N ARG B 151 13.02 -21.06 -5.70
CA ARG B 151 12.96 -19.64 -5.33
C ARG B 151 14.33 -19.03 -5.18
N LEU B 152 14.47 -17.78 -5.63
CA LEU B 152 15.65 -16.99 -5.31
C LEU B 152 15.62 -16.52 -3.86
N ASN B 153 16.78 -16.41 -3.24
CA ASN B 153 16.87 -16.02 -1.83
C ASN B 153 16.80 -14.50 -1.69
N VAL B 154 15.64 -13.95 -2.08
CA VAL B 154 15.41 -12.50 -2.01
C VAL B 154 13.95 -12.30 -1.61
N PRO B 155 13.62 -11.09 -1.13
CA PRO B 155 12.20 -10.77 -0.94
C PRO B 155 11.49 -10.72 -2.28
N ASN B 156 10.34 -11.35 -2.33
CA ASN B 156 9.47 -11.33 -3.51
C ASN B 156 8.08 -11.61 -3.02
N PHE B 157 7.15 -10.65 -3.21
CA PHE B 157 5.80 -10.89 -2.67
C PHE B 157 5.10 -12.12 -3.25
N TYR B 158 5.54 -12.59 -4.42
CA TYR B 158 5.04 -13.82 -5.00
C TYR B 158 5.23 -14.99 -4.05
N HIS B 159 6.34 -14.98 -3.33
CA HIS B 159 6.65 -16.05 -2.36
C HIS B 159 5.61 -16.05 -1.26
N ASP B 160 5.34 -14.85 -0.74
N ASP B 160 5.34 -14.86 -0.74
CA ASP B 160 4.36 -14.68 0.34
CA ASP B 160 4.37 -14.72 0.35
C ASP B 160 2.98 -15.13 -0.09
C ASP B 160 2.95 -15.10 -0.07
N LEU B 161 2.56 -14.71 -1.28
CA LEU B 161 1.28 -15.14 -1.86
C LEU B 161 1.17 -16.66 -2.02
N GLU B 162 2.19 -17.29 -2.55
CA GLU B 162 2.19 -18.74 -2.65
C GLU B 162 2.08 -19.43 -1.32
N ASP B 163 2.83 -18.94 -0.32
CA ASP B 163 2.82 -19.57 0.99
C ASP B 163 1.42 -19.52 1.60
N ILE B 164 0.73 -18.39 1.44
CA ILE B 164 -0.64 -18.28 1.94
C ILE B 164 -1.56 -19.25 1.18
N LEU B 165 -1.40 -19.28 -0.13
CA LEU B 165 -2.20 -20.18 -1.01
C LEU B 165 -2.07 -21.61 -0.53
N TYR B 166 -0.83 -22.07 -0.35
CA TYR B 166 -0.62 -23.48 0.06
C TYR B 166 -1.21 -23.75 1.42
N GLU B 167 -0.98 -22.84 2.37
CA GLU B 167 -1.47 -23.04 3.72
C GLU B 167 -3.00 -23.10 3.81
N GLU B 168 -3.66 -22.14 3.17
CA GLU B 168 -5.09 -22.03 3.29
C GLU B 168 -5.84 -23.08 2.46
N THR B 169 -5.30 -23.48 1.33
CA THR B 169 -5.94 -24.51 0.51
C THR B 169 -5.75 -25.88 1.12
N GLY B 170 -4.57 -26.12 1.71
CA GLY B 170 -4.29 -27.41 2.35
C GLY B 170 -5.20 -27.66 3.54
N LYS B 171 -5.37 -26.65 4.40
CA LYS B 171 -6.22 -26.77 5.61
C LYS B 171 -7.68 -27.05 5.27
N ASN B 172 -8.12 -26.53 4.12
CA ASN B 172 -9.53 -26.47 3.75
C ASN B 172 -9.92 -27.37 2.60
N ASN B 173 -9.03 -28.29 2.21
CA ASN B 173 -9.32 -29.27 1.16
C ASN B 173 -9.80 -28.62 -0.15
N LEU B 174 -9.07 -27.61 -0.56
CA LEU B 174 -9.30 -26.87 -1.79
C LEU B 174 -8.14 -27.17 -2.70
N THR B 175 -8.39 -27.18 -4.01
CA THR B 175 -7.30 -27.22 -4.97
C THR B 175 -6.77 -25.83 -5.27
N TRP B 176 -5.55 -25.80 -5.82
CA TRP B 176 -4.84 -24.56 -6.07
C TRP B 176 -4.14 -24.60 -7.41
N SER B 177 -3.88 -23.42 -7.94
CA SER B 177 -2.93 -23.30 -9.03
C SER B 177 -2.22 -21.99 -8.94
N VAL B 178 -0.97 -21.99 -9.40
CA VAL B 178 -0.16 -20.79 -9.48
C VAL B 178 0.14 -20.58 -10.95
N HIS B 179 -0.28 -19.42 -11.48
CA HIS B 179 -0.04 -19.09 -12.86
C HIS B 179 1.01 -18.02 -12.96
N ARG B 180 2.01 -18.24 -13.81
CA ARG B 180 3.14 -17.31 -13.94
C ARG B 180 3.16 -16.78 -15.37
N PRO B 181 2.27 -15.83 -15.69
CA PRO B 181 2.32 -15.28 -17.05
C PRO B 181 3.59 -14.52 -17.35
N ALA B 182 3.95 -14.55 -18.61
CA ALA B 182 4.90 -13.63 -19.22
C ALA B 182 4.27 -12.22 -19.30
N LEU B 183 5.01 -11.29 -19.87
CA LEU B 183 4.51 -9.96 -20.19
C LEU B 183 3.17 -10.06 -20.85
N VAL B 184 2.17 -9.33 -20.34
CA VAL B 184 0.81 -9.49 -20.86
C VAL B 184 0.48 -8.51 -21.97
N PHE B 185 -0.09 -9.04 -23.08
CA PHE B 185 -0.69 -8.22 -24.15
C PHE B 185 -2.19 -8.21 -23.87
N GLY B 186 -2.70 -7.05 -23.49
CA GLY B 186 -4.11 -6.89 -23.14
C GLY B 186 -4.64 -5.52 -23.44
N PHE B 187 -5.85 -5.26 -22.97
CA PHE B 187 -6.62 -4.08 -23.42
C PHE B 187 -7.08 -3.15 -22.30
N SER B 188 -6.92 -3.53 -21.02
CA SER B 188 -7.47 -2.71 -19.94
C SER B 188 -6.78 -1.34 -19.89
N PRO B 189 -7.56 -0.25 -19.80
CA PRO B 189 -6.99 1.07 -19.64
C PRO B 189 -6.77 1.47 -18.17
N CYS B 190 -7.01 0.53 -17.24
CA CYS B 190 -6.88 0.78 -15.80
C CYS B 190 -5.82 -0.10 -15.22
N SER B 191 -4.97 -0.69 -16.02
CA SER B 191 -3.93 -1.59 -15.51
C SER B 191 -2.78 -0.74 -15.03
N MET B 192 -2.02 -1.24 -14.06
CA MET B 192 -0.76 -0.59 -13.70
C MET B 192 0.43 -1.03 -14.55
N MET B 193 0.25 -2.01 -15.42
CA MET B 193 1.33 -2.50 -16.28
C MET B 193 0.74 -3.09 -17.54
N ASN B 194 0.35 -2.22 -18.47
CA ASN B 194 -0.20 -2.66 -19.78
C ASN B 194 0.73 -2.14 -20.90
N ILE B 195 1.63 -3.01 -21.38
CA ILE B 195 2.64 -2.57 -22.36
C ILE B 195 2.02 -2.14 -23.68
N VAL B 196 0.99 -2.84 -24.17
CA VAL B 196 0.40 -2.46 -25.44
C VAL B 196 -0.26 -1.06 -25.32
N SER B 197 -1.04 -0.84 -24.28
CA SER B 197 -1.67 0.47 -24.11
CA SER B 197 -1.67 0.44 -24.05
C SER B 197 -0.61 1.55 -23.99
N THR B 198 0.46 1.28 -23.24
CA THR B 198 1.54 2.22 -23.03
C THR B 198 2.18 2.63 -24.37
N LEU B 199 2.48 1.65 -25.21
CA LEU B 199 3.10 1.95 -26.48
C LEU B 199 2.12 2.59 -27.45
N CYS B 200 0.83 2.22 -27.38
CA CYS B 200 -0.19 2.89 -28.20
C CYS B 200 -0.36 4.34 -27.81
N VAL B 201 -0.30 4.64 -26.52
CA VAL B 201 -0.40 6.01 -26.03
C VAL B 201 0.81 6.84 -26.52
N TYR B 202 2.01 6.26 -26.40
CA TYR B 202 3.21 6.89 -26.93
C TYR B 202 3.06 7.14 -28.46
N ALA B 203 2.61 6.14 -29.20
CA ALA B 203 2.46 6.30 -30.69
C ALA B 203 1.42 7.38 -31.02
N THR B 204 0.32 7.37 -30.27
CA THR B 204 -0.73 8.37 -30.44
C THR B 204 -0.20 9.78 -30.20
N ILE B 205 0.58 9.95 -29.15
CA ILE B 205 1.13 11.28 -28.83
C ILE B 205 2.13 11.71 -29.90
N CYS B 206 2.97 10.76 -30.37
CA CYS B 206 3.88 11.08 -31.48
C CYS B 206 3.12 11.56 -32.72
N LYS B 207 2.08 10.80 -33.11
CA LYS B 207 1.25 11.15 -34.25
C LYS B 207 0.62 12.53 -34.07
N HIS B 208 0.05 12.80 -32.90
CA HIS B 208 -0.54 14.11 -32.58
C HIS B 208 0.43 15.28 -32.69
N GLU B 209 1.70 15.03 -32.36
CA GLU B 209 2.78 16.02 -32.39
C GLU B 209 3.60 16.03 -33.68
N ASN B 210 3.16 15.29 -34.71
CA ASN B 210 3.86 15.15 -35.99
C ASN B 210 5.31 14.73 -35.85
N LYS B 211 5.52 13.75 -34.97
CA LYS B 211 6.85 13.21 -34.70
C LYS B 211 6.89 11.73 -35.06
N ALA B 212 8.10 11.25 -35.35
CA ALA B 212 8.31 9.84 -35.66
C ALA B 212 8.16 8.99 -34.39
N LEU B 213 7.82 7.72 -34.59
CA LEU B 213 7.81 6.74 -33.51
C LEU B 213 9.24 6.34 -33.22
N VAL B 214 9.87 7.07 -32.30
CA VAL B 214 11.29 6.88 -31.98
C VAL B 214 11.42 5.79 -30.90
N TYR B 215 12.13 4.72 -31.22
CA TYR B 215 12.44 3.68 -30.24
C TYR B 215 13.40 4.20 -29.17
N PRO B 216 12.96 4.21 -27.89
CA PRO B 216 13.83 4.75 -26.82
C PRO B 216 14.69 3.71 -26.08
N GLY B 217 14.55 2.45 -26.45
CA GLY B 217 15.10 1.37 -25.64
C GLY B 217 16.55 1.02 -25.91
N SER B 218 17.02 -0.05 -25.26
CA SER B 218 18.37 -0.53 -25.40
C SER B 218 18.56 -1.34 -26.69
N LYS B 219 19.81 -1.45 -27.08
CA LYS B 219 20.18 -2.32 -28.20
C LYS B 219 19.81 -3.76 -27.92
N ASN B 220 20.09 -4.23 -26.71
CA ASN B 220 19.85 -5.64 -26.40
C ASN B 220 18.38 -6.02 -26.49
N SER B 221 17.50 -5.14 -26.00
CA SER B 221 16.08 -5.43 -26.06
C SER B 221 15.50 -5.26 -27.45
N TRP B 222 16.15 -4.50 -28.34
CA TRP B 222 15.67 -4.36 -29.70
C TRP B 222 15.86 -5.67 -30.44
N ASN B 223 17.01 -6.32 -30.18
CA ASN B 223 17.47 -7.46 -30.98
C ASN B 223 17.26 -8.84 -30.36
N CYS B 224 16.91 -8.91 -29.08
CA CYS B 224 16.83 -10.21 -28.37
C CYS B 224 15.50 -10.88 -28.64
N TYR B 225 15.43 -12.17 -28.36
CA TYR B 225 14.16 -12.85 -28.31
C TYR B 225 13.41 -12.47 -27.03
N ALA B 226 12.12 -12.16 -27.18
CA ALA B 226 11.22 -11.87 -26.10
C ALA B 226 9.96 -12.71 -26.22
N ASP B 227 9.19 -12.80 -25.13
CA ASP B 227 7.92 -13.46 -25.21
C ASP B 227 6.88 -12.71 -24.38
N ALA B 228 5.63 -13.12 -24.61
CA ALA B 228 4.48 -12.45 -24.03
C ALA B 228 3.31 -13.39 -23.98
N VAL B 229 2.20 -12.92 -23.43
CA VAL B 229 0.99 -13.73 -23.36
C VAL B 229 -0.22 -12.84 -23.55
N ASP B 230 -1.14 -13.25 -24.40
CA ASP B 230 -2.40 -12.50 -24.54
CA ASP B 230 -2.40 -12.51 -24.53
C ASP B 230 -3.24 -12.68 -23.28
N ALA B 231 -3.87 -11.60 -22.83
CA ALA B 231 -4.74 -11.71 -21.66
C ALA B 231 -5.80 -12.77 -21.78
N ASP B 232 -6.37 -12.94 -22.96
CA ASP B 232 -7.39 -13.95 -23.16
C ASP B 232 -6.82 -15.36 -22.98
N LEU B 233 -5.59 -15.54 -23.38
CA LEU B 233 -4.91 -16.85 -23.19
C LEU B 233 -4.61 -17.11 -21.72
N VAL B 234 -4.24 -16.08 -20.96
CA VAL B 234 -4.09 -16.25 -19.50
C VAL B 234 -5.43 -16.66 -18.90
N ALA B 235 -6.51 -15.99 -19.31
CA ALA B 235 -7.83 -16.33 -18.78
C ALA B 235 -8.17 -17.79 -19.12
N GLU B 236 -7.94 -18.19 -20.36
N GLU B 236 -7.94 -18.20 -20.37
CA GLU B 236 -8.21 -19.58 -20.78
CA GLU B 236 -8.23 -19.58 -20.79
C GLU B 236 -7.41 -20.59 -19.94
C GLU B 236 -7.39 -20.61 -19.99
N HIS B 237 -6.16 -20.24 -19.67
CA HIS B 237 -5.23 -21.08 -18.88
C HIS B 237 -5.66 -21.20 -17.43
N GLU B 238 -6.06 -20.05 -16.85
CA GLU B 238 -6.62 -20.05 -15.50
C GLU B 238 -7.89 -20.84 -15.36
N ILE B 239 -8.78 -20.72 -16.35
CA ILE B 239 -10.02 -21.50 -16.36
C ILE B 239 -9.72 -23.01 -16.51
N TRP B 240 -8.80 -23.34 -17.39
CA TRP B 240 -8.39 -24.75 -17.59
C TRP B 240 -7.93 -25.34 -16.26
N ALA B 241 -7.06 -24.64 -15.55
CA ALA B 241 -6.56 -25.16 -14.27
C ALA B 241 -7.65 -25.17 -13.20
N ALA B 242 -8.63 -24.29 -13.29
CA ALA B 242 -9.77 -24.24 -12.39
C ALA B 242 -10.76 -25.37 -12.55
N VAL B 243 -10.83 -25.93 -13.77
CA VAL B 243 -11.88 -26.90 -14.13
C VAL B 243 -11.38 -28.31 -14.41
N ASP B 244 -10.20 -28.42 -15.02
CA ASP B 244 -9.68 -29.73 -15.46
C ASP B 244 -8.89 -30.39 -14.31
N PRO B 245 -9.38 -31.55 -13.81
CA PRO B 245 -8.64 -32.25 -12.72
C PRO B 245 -7.18 -32.53 -12.97
N LYS B 246 -6.81 -32.75 -14.23
CA LYS B 246 -5.43 -33.02 -14.62
C LYS B 246 -4.47 -31.92 -14.30
N ALA B 247 -4.97 -30.67 -14.28
CA ALA B 247 -4.16 -29.50 -14.06
C ALA B 247 -4.08 -29.05 -12.59
N LYS B 248 -4.80 -29.71 -11.70
CA LYS B 248 -4.93 -29.18 -10.35
C LYS B 248 -3.65 -29.30 -9.53
N ASN B 249 -3.48 -28.34 -8.63
CA ASN B 249 -2.35 -28.33 -7.71
C ASN B 249 -1.01 -28.30 -8.44
N GLN B 250 -0.89 -27.35 -9.36
CA GLN B 250 0.29 -27.18 -10.17
C GLN B 250 0.68 -25.71 -10.31
N VAL B 251 1.98 -25.49 -10.28
CA VAL B 251 2.58 -24.24 -10.75
C VAL B 251 2.73 -24.31 -12.26
N LEU B 252 2.26 -23.26 -12.96
CA LEU B 252 2.19 -23.29 -14.42
C LEU B 252 2.56 -21.97 -15.03
N ASN B 253 3.62 -21.93 -15.83
CA ASN B 253 3.89 -20.78 -16.67
C ASN B 253 2.77 -20.57 -17.68
N CYS B 254 2.63 -19.35 -18.20
CA CYS B 254 1.68 -19.06 -19.27
C CYS B 254 2.26 -18.04 -20.24
N ASN B 255 2.56 -18.48 -21.46
CA ASN B 255 2.89 -17.58 -22.54
C ASN B 255 2.26 -18.03 -23.86
N ASN B 256 2.40 -17.18 -24.88
CA ASN B 256 1.71 -17.40 -26.16
C ASN B 256 2.27 -18.57 -26.96
N GLY B 257 3.44 -19.10 -26.58
CA GLY B 257 3.98 -20.28 -27.15
C GLY B 257 5.08 -20.07 -28.18
N ASP B 258 5.31 -18.83 -28.50
CA ASP B 258 6.29 -18.41 -29.51
C ASP B 258 7.19 -17.35 -28.91
N VAL B 259 8.11 -16.83 -29.75
CA VAL B 259 8.92 -15.69 -29.39
C VAL B 259 8.81 -14.62 -30.46
N PHE B 260 9.22 -13.41 -30.11
CA PHE B 260 9.19 -12.27 -31.02
C PHE B 260 10.40 -11.40 -30.71
N LYS B 261 10.62 -10.38 -31.53
CA LYS B 261 11.57 -9.33 -31.17
C LYS B 261 10.90 -7.98 -31.20
N TRP B 262 11.33 -7.11 -30.28
CA TRP B 262 10.78 -5.75 -30.23
C TRP B 262 11.02 -5.00 -31.51
N LYS B 263 12.14 -5.27 -32.21
CA LYS B 263 12.36 -4.60 -33.49
C LYS B 263 11.23 -4.85 -34.48
N HIS B 264 10.67 -6.07 -34.46
CA HIS B 264 9.58 -6.40 -35.40
C HIS B 264 8.26 -5.78 -34.94
N ILE B 265 8.03 -5.81 -33.63
CA ILE B 265 6.83 -5.18 -33.03
C ILE B 265 6.82 -3.69 -33.35
N TRP B 266 7.98 -3.07 -33.24
CA TRP B 266 8.09 -1.62 -33.40
C TRP B 266 7.63 -1.19 -34.81
N LYS B 267 8.07 -1.95 -35.81
CA LYS B 267 7.67 -1.71 -37.20
C LYS B 267 6.14 -1.83 -37.36
N LYS B 268 5.55 -2.85 -36.76
CA LYS B 268 4.10 -3.04 -36.82
C LYS B 268 3.38 -1.88 -36.13
N LEU B 269 3.92 -1.42 -34.99
CA LEU B 269 3.29 -0.34 -34.24
C LEU B 269 3.26 0.94 -35.06
N ALA B 270 4.37 1.27 -35.70
CA ALA B 270 4.42 2.45 -36.56
C ALA B 270 3.43 2.34 -37.73
N GLU B 271 3.38 1.17 -38.35
CA GLU B 271 2.44 0.93 -39.45
C GLU B 271 0.98 1.11 -39.00
N GLU B 272 0.69 0.59 -37.81
CA GLU B 272 -0.66 0.72 -37.23
C GLU B 272 -1.10 2.15 -36.95
N PHE B 273 -0.15 3.02 -36.64
CA PHE B 273 -0.47 4.41 -36.38
C PHE B 273 -0.17 5.33 -37.57
N GLY B 274 0.21 4.76 -38.70
CA GLY B 274 0.46 5.53 -39.92
C GLY B 274 1.54 6.59 -39.78
N ILE B 275 2.59 6.29 -39.01
CA ILE B 275 3.69 7.23 -38.77
C ILE B 275 5.04 6.60 -39.06
N GLU B 276 6.04 7.46 -39.29
CA GLU B 276 7.42 7.04 -39.54
C GLU B 276 7.98 6.35 -38.29
N MET B 277 8.78 5.31 -38.53
CA MET B 277 9.53 4.64 -37.49
C MET B 277 10.97 5.13 -37.46
N VAL B 278 11.50 5.40 -36.28
CA VAL B 278 12.95 5.47 -36.09
C VAL B 278 13.27 4.31 -35.14
N GLY B 279 13.97 3.31 -35.66
CA GLY B 279 14.36 2.14 -34.87
C GLY B 279 15.59 2.43 -34.02
N TYR B 280 16.14 1.36 -33.43
CA TYR B 280 17.36 1.47 -32.67
C TYR B 280 18.49 1.97 -33.57
N VAL B 281 19.25 2.92 -33.07
CA VAL B 281 20.36 3.53 -33.80
C VAL B 281 21.63 3.07 -33.14
N GLU B 282 22.50 2.42 -33.91
CA GLU B 282 23.74 1.85 -33.39
C GLU B 282 24.53 2.91 -32.62
N GLY B 283 24.95 2.53 -31.41
CA GLY B 283 25.73 3.43 -30.56
C GLY B 283 24.93 4.32 -29.63
N LYS B 284 23.60 4.41 -29.81
CA LYS B 284 22.76 5.22 -28.91
C LYS B 284 22.44 4.42 -27.64
N GLU B 285 22.49 5.10 -26.50
CA GLU B 285 22.12 4.48 -25.24
C GLU B 285 20.61 4.63 -25.08
N GLN B 286 20.01 3.72 -24.32
CA GLN B 286 18.62 3.83 -23.95
C GLN B 286 18.36 5.20 -23.31
N VAL B 287 17.21 5.76 -23.62
CA VAL B 287 16.69 6.93 -22.93
C VAL B 287 15.39 6.55 -22.20
N SER B 288 15.02 7.36 -21.22
CA SER B 288 13.82 7.09 -20.44
C SER B 288 12.57 7.55 -21.19
N LEU B 289 11.67 6.60 -21.53
CA LEU B 289 10.34 6.93 -22.01
C LEU B 289 9.51 7.70 -20.94
N ALA B 290 9.66 7.32 -19.66
CA ALA B 290 8.99 8.04 -18.57
C ALA B 290 9.35 9.51 -18.59
N GLU B 291 10.63 9.79 -18.79
CA GLU B 291 11.08 11.19 -18.87
C GLU B 291 10.54 11.90 -20.12
N LEU B 292 10.56 11.22 -21.27
CA LEU B 292 10.02 11.83 -22.50
C LEU B 292 8.56 12.21 -22.32
N MET B 293 7.82 11.44 -21.53
CA MET B 293 6.38 11.61 -21.38
C MET B 293 5.94 12.37 -20.14
N LYS B 294 6.89 12.83 -19.31
CA LYS B 294 6.52 13.31 -17.98
C LYS B 294 5.59 14.53 -17.97
N ASP B 295 5.65 15.37 -19.00
CA ASP B 295 4.82 16.57 -19.07
C ASP B 295 3.64 16.46 -20.04
N LYS B 296 3.20 15.25 -20.36
CA LYS B 296 2.20 15.05 -21.40
C LYS B 296 0.77 14.87 -20.93
N ASP B 297 0.49 15.05 -19.64
CA ASP B 297 -0.88 14.78 -19.10
C ASP B 297 -1.91 15.64 -19.85
N GLN B 298 -1.63 16.93 -20.02
CA GLN B 298 -2.56 17.83 -20.73
C GLN B 298 -2.72 17.50 -22.22
N VAL B 299 -1.63 17.05 -22.87
CA VAL B 299 -1.71 16.57 -24.25
C VAL B 299 -2.63 15.35 -24.39
N TRP B 300 -2.49 14.39 -23.46
CA TRP B 300 -3.34 13.22 -23.45
C TRP B 300 -4.80 13.64 -23.25
N ASP B 301 -5.07 14.53 -22.31
CA ASP B 301 -6.43 15.06 -22.12
C ASP B 301 -7.06 15.61 -23.41
N GLU B 302 -6.28 16.38 -24.19
N GLU B 302 -6.31 16.41 -24.19
CA GLU B 302 -6.76 16.90 -25.47
CA GLU B 302 -6.84 16.93 -25.47
C GLU B 302 -7.03 15.85 -26.50
C GLU B 302 -7.00 15.88 -26.56
N ILE B 303 -6.16 14.84 -26.55
CA ILE B 303 -6.33 13.73 -27.45
C ILE B 303 -7.64 12.98 -27.13
N VAL B 304 -7.86 12.73 -25.84
CA VAL B 304 -9.11 12.09 -25.38
C VAL B 304 -10.32 12.86 -25.87
N LYS B 305 -10.28 14.17 -25.71
CA LYS B 305 -11.43 15.00 -26.11
C LYS B 305 -11.64 15.01 -27.63
N LYS B 306 -10.57 15.31 -28.38
CA LYS B 306 -10.66 15.41 -29.86
C LYS B 306 -11.15 14.10 -30.52
N ASN B 307 -10.77 12.96 -29.93
CA ASN B 307 -11.13 11.66 -30.46
C ASN B 307 -12.33 11.03 -29.81
N ASN B 308 -12.96 11.77 -28.88
CA ASN B 308 -14.10 11.30 -28.13
C ASN B 308 -13.82 9.92 -27.52
N LEU B 309 -12.67 9.82 -26.87
CA LEU B 309 -12.28 8.57 -26.23
C LEU B 309 -12.96 8.41 -24.88
N VAL B 310 -13.00 7.17 -24.41
CA VAL B 310 -13.27 6.91 -23.00
C VAL B 310 -12.28 7.77 -22.17
N PRO B 311 -12.79 8.53 -21.19
CA PRO B 311 -11.84 9.38 -20.46
C PRO B 311 -10.89 8.61 -19.57
N THR B 312 -9.60 8.81 -19.81
CA THR B 312 -8.51 8.15 -19.05
C THR B 312 -7.48 9.23 -18.74
N LYS B 313 -6.82 9.09 -17.60
CA LYS B 313 -5.70 9.91 -17.20
C LYS B 313 -4.46 9.20 -17.71
N LEU B 314 -3.50 10.00 -18.15
CA LEU B 314 -2.28 9.47 -18.77
C LEU B 314 -1.55 8.46 -17.85
N LYS B 315 -1.45 8.79 -16.56
CA LYS B 315 -0.74 7.92 -15.61
C LYS B 315 -1.46 6.60 -15.32
N GLU B 316 -2.75 6.53 -15.63
CA GLU B 316 -3.51 5.32 -15.43
C GLU B 316 -3.53 4.42 -16.67
N ILE B 317 -3.69 5.01 -17.86
CA ILE B 317 -3.71 4.19 -19.11
C ILE B 317 -2.31 3.73 -19.53
N ALA B 318 -1.28 4.52 -19.22
CA ALA B 318 0.06 4.19 -19.63
C ALA B 318 0.96 3.99 -18.41
N ALA B 319 1.92 3.11 -18.59
CA ALA B 319 2.96 2.84 -17.61
C ALA B 319 4.32 2.95 -18.30
N PHE B 320 4.75 4.17 -18.57
CA PHE B 320 5.99 4.39 -19.31
C PHE B 320 7.22 3.78 -18.61
N TRP B 321 7.22 3.85 -17.29
CA TRP B 321 8.25 3.21 -16.46
C TRP B 321 8.40 1.71 -16.74
N PHE B 322 7.29 1.05 -17.06
CA PHE B 322 7.22 -0.37 -17.29
C PHE B 322 7.78 -0.72 -18.68
N ALA B 323 7.50 0.15 -19.66
CA ALA B 323 8.14 0.03 -20.98
C ALA B 323 9.65 0.20 -20.86
N ASP B 324 10.08 1.12 -20.01
CA ASP B 324 11.53 1.30 -19.78
C ASP B 324 12.20 0.03 -19.23
N ILE B 325 11.54 -0.69 -18.32
CA ILE B 325 12.05 -1.97 -17.85
C ILE B 325 12.07 -3.01 -18.98
N ALA B 326 10.97 -3.12 -19.71
CA ALA B 326 10.92 -4.05 -20.82
C ALA B 326 12.08 -3.81 -21.79
N PHE B 327 12.36 -2.55 -22.05
CA PHE B 327 13.38 -2.17 -23.02
C PHE B 327 14.82 -2.17 -22.49
N CYS B 328 15.05 -2.64 -21.27
CA CYS B 328 16.39 -3.07 -20.87
C CYS B 328 16.41 -4.51 -20.36
N SER B 329 15.44 -5.29 -20.80
CA SER B 329 15.33 -6.70 -20.38
C SER B 329 15.78 -7.61 -21.53
N GLU B 330 16.44 -8.70 -21.16
N GLU B 330 16.36 -8.73 -21.15
CA GLU B 330 16.77 -9.78 -22.10
CA GLU B 330 16.79 -9.76 -22.07
C GLU B 330 16.84 -11.11 -21.35
C GLU B 330 16.80 -11.10 -21.33
N ASN B 331 16.80 -12.22 -22.07
CA ASN B 331 17.01 -13.52 -21.49
C ASN B 331 15.92 -13.96 -20.52
N LEU B 332 14.69 -13.56 -20.83
CA LEU B 332 13.54 -13.83 -19.95
C LEU B 332 12.55 -14.83 -20.48
N ILE B 333 12.92 -15.60 -21.51
CA ILE B 333 11.99 -16.52 -22.13
C ILE B 333 11.58 -17.56 -21.09
N SER B 334 10.30 -17.87 -21.08
CA SER B 334 9.75 -18.96 -20.28
C SER B 334 9.23 -20.12 -21.12
N SER B 335 9.23 -21.31 -20.49
CA SER B 335 8.78 -22.52 -21.18
C SER B 335 7.34 -22.84 -20.96
N MET B 336 6.66 -23.26 -22.03
CA MET B 336 5.30 -23.80 -21.92
C MET B 336 5.24 -25.31 -21.99
N ASN B 337 6.38 -25.98 -21.91
CA ASN B 337 6.36 -27.45 -22.01
C ASN B 337 5.49 -28.12 -20.97
N LYS B 338 5.55 -27.66 -19.70
CA LYS B 338 4.76 -28.33 -18.66
C LYS B 338 3.26 -28.28 -18.98
N SER B 339 2.77 -27.09 -19.35
CA SER B 339 1.36 -26.95 -19.69
C SER B 339 1.01 -27.82 -20.89
N LYS B 340 1.86 -27.81 -21.92
CA LYS B 340 1.59 -28.63 -23.10
C LYS B 340 1.58 -30.11 -22.78
N GLU B 341 2.51 -30.56 -21.95
CA GLU B 341 2.59 -31.96 -21.54
CA GLU B 341 2.60 -31.96 -21.56
C GLU B 341 1.39 -32.39 -20.70
N LEU B 342 0.76 -31.43 -20.02
CA LEU B 342 -0.48 -31.67 -19.28
C LEU B 342 -1.75 -31.54 -20.15
N GLY B 343 -1.57 -31.18 -21.43
CA GLY B 343 -2.64 -31.19 -22.44
C GLY B 343 -3.17 -29.81 -22.81
N PHE B 344 -2.59 -28.74 -22.27
CA PHE B 344 -3.02 -27.37 -22.64
C PHE B 344 -2.28 -26.94 -23.89
N LEU B 345 -2.96 -26.91 -25.02
CA LEU B 345 -2.29 -26.57 -26.31
C LEU B 345 -2.75 -25.19 -26.80
N GLY B 346 -3.34 -24.36 -25.93
CA GLY B 346 -3.69 -23.00 -26.31
C GLY B 346 -2.43 -22.22 -26.67
N PHE B 347 -2.52 -21.37 -27.67
CA PHE B 347 -1.39 -20.55 -28.12
C PHE B 347 -1.93 -19.32 -28.78
N ARG B 348 -1.05 -18.36 -29.04
CA ARG B 348 -1.33 -17.23 -29.91
C ARG B 348 -0.09 -16.90 -30.70
N ASN B 349 -0.29 -16.41 -31.90
CA ASN B 349 0.78 -15.77 -32.71
C ASN B 349 0.99 -14.39 -32.08
N SER B 350 2.16 -14.16 -31.46
CA SER B 350 2.36 -12.95 -30.70
C SER B 350 2.33 -11.69 -31.54
N MET B 351 2.78 -11.76 -32.78
CA MET B 351 2.66 -10.58 -33.70
C MET B 351 1.18 -10.25 -33.95
N LYS B 352 0.39 -11.29 -34.20
CA LYS B 352 -1.07 -11.10 -34.36
C LYS B 352 -1.78 -10.66 -33.07
N SER B 353 -1.30 -11.16 -31.92
N SER B 353 -1.30 -11.13 -31.94
CA SER B 353 -1.82 -10.85 -30.57
CA SER B 353 -1.92 -10.73 -30.71
C SER B 353 -1.62 -9.35 -30.28
C SER B 353 -1.64 -9.29 -30.37
N PHE B 354 -0.43 -8.84 -30.63
CA PHE B 354 -0.09 -7.44 -30.37
C PHE B 354 -1.08 -6.56 -31.17
N VAL B 355 -1.30 -6.90 -32.42
CA VAL B 355 -2.25 -6.18 -33.26
C VAL B 355 -3.67 -6.32 -32.78
N SER B 356 -4.07 -7.51 -32.35
CA SER B 356 -5.41 -7.74 -31.78
C SER B 356 -5.67 -6.80 -30.61
N CYS B 357 -4.66 -6.59 -29.76
CA CYS B 357 -4.81 -5.69 -28.63
C CYS B 357 -4.96 -4.25 -29.06
N ILE B 358 -4.16 -3.79 -30.03
CA ILE B 358 -4.37 -2.45 -30.61
C ILE B 358 -5.79 -2.32 -31.14
N ASP B 359 -6.22 -3.30 -31.93
CA ASP B 359 -7.57 -3.27 -32.54
C ASP B 359 -8.66 -3.20 -31.46
N LYS B 360 -8.48 -3.96 -30.37
CA LYS B 360 -9.49 -4.01 -29.32
C LYS B 360 -9.57 -2.69 -28.56
N MET B 361 -8.41 -2.12 -28.26
N MET B 361 -8.42 -2.08 -28.26
CA MET B 361 -8.41 -0.85 -27.57
CA MET B 361 -8.44 -0.81 -27.55
C MET B 361 -9.02 0.27 -28.41
C MET B 361 -9.00 0.33 -28.41
N ARG B 362 -8.84 0.21 -29.73
CA ARG B 362 -9.50 1.11 -30.66
C ARG B 362 -11.02 0.85 -30.73
N ASP B 363 -11.40 -0.42 -30.78
CA ASP B 363 -12.82 -0.82 -30.80
C ASP B 363 -13.55 -0.25 -29.58
N TYR B 364 -12.93 -0.39 -28.40
CA TYR B 364 -13.49 0.07 -27.13
C TYR B 364 -13.30 1.57 -26.87
N ARG B 365 -12.66 2.28 -27.81
CA ARG B 365 -12.48 3.72 -27.79
C ARG B 365 -11.56 4.18 -26.64
N PHE B 366 -10.63 3.33 -26.26
CA PHE B 366 -9.58 3.74 -25.32
C PHE B 366 -8.45 4.49 -26.03
N ILE B 367 -8.24 4.17 -27.32
N ILE B 367 -8.17 4.13 -27.28
CA ILE B 367 -7.15 4.71 -28.12
CA ILE B 367 -7.17 4.83 -28.07
C ILE B 367 -7.77 5.11 -29.46
C ILE B 367 -7.79 5.16 -29.42
N PRO B 368 -7.24 6.15 -30.13
CA PRO B 368 -7.80 6.48 -31.48
C PRO B 368 -7.34 5.51 -32.57
PA NAP C . 7.54 6.97 17.52
O1A NAP C . 8.00 6.72 18.90
O2A NAP C . 6.42 6.09 16.98
O5B NAP C . 8.75 6.80 16.55
C5B NAP C . 9.93 7.58 16.81
C4B NAP C . 10.81 7.49 15.59
O4B NAP C . 11.92 8.39 15.74
C3B NAP C . 11.40 6.11 15.30
O3B NAP C . 11.50 5.89 13.90
C2B NAP C . 12.80 6.26 15.88
O2B NAP C . 13.71 5.30 15.32
C1B NAP C . 13.11 7.68 15.44
N9A NAP C . 14.23 8.27 16.15
C8A NAP C . 14.33 8.58 17.48
N7A NAP C . 15.50 9.04 17.84
C5A NAP C . 16.23 9.05 16.65
C6A NAP C . 17.56 9.39 16.35
N6A NAP C . 18.43 9.85 17.26
N1A NAP C . 17.98 9.25 15.07
C2A NAP C . 17.11 8.77 14.16
N3A NAP C . 15.84 8.39 14.34
C4A NAP C . 15.46 8.56 15.61
O3 NAP C . 7.23 8.49 17.21
PN NAP C . 5.85 9.30 17.14
O1N NAP C . 5.35 9.28 15.76
O2N NAP C . 4.97 8.88 18.24
O5D NAP C . 6.45 10.73 17.49
C5D NAP C . 6.59 11.85 16.59
C4D NAP C . 5.83 13.01 17.18
O4D NAP C . 4.43 12.68 17.22
C3D NAP C . 6.25 13.36 18.62
O3D NAP C . 6.33 14.77 18.80
C2D NAP C . 5.09 12.80 19.44
O2D NAP C . 4.85 13.42 20.70
C1D NAP C . 3.95 13.09 18.47
N1N NAP C . 2.62 12.39 18.74
C2N NAP C . 2.61 11.06 18.91
C3N NAP C . 1.43 10.42 19.24
C7N NAP C . 1.32 8.93 19.44
O7N NAP C . 0.27 8.45 19.91
N7N NAP C . 2.37 8.18 19.18
C4N NAP C . 0.27 11.17 19.38
C5N NAP C . 0.32 12.54 19.17
C6N NAP C . 1.50 13.13 18.85
P2B NAP C . 14.59 4.36 16.30
O1X NAP C . 13.76 3.65 17.21
O2X NAP C . 15.37 5.41 17.10
O3X NAP C . 15.60 3.63 15.44
C1 PGE D . 3.50 12.03 27.72
O1 PGE D . 2.29 12.77 27.67
C2 PGE D . 4.11 11.86 26.36
O2 PGE D . 4.32 13.12 25.72
C3 PGE D . 5.38 13.09 24.76
C4 PGE D . 5.43 14.34 23.91
O4 PGE D . 5.66 17.76 26.20
C6 PGE D . 5.67 17.93 24.78
C5 PGE D . 5.38 16.71 23.97
O3 PGE D . 5.66 15.51 24.69
C1 EDO E . 1.09 28.49 16.50
O1 EDO E . -0.06 27.89 17.11
C2 EDO E . 2.20 28.83 17.56
O2 EDO E . 2.66 27.70 18.30
C1 EDO F . -1.62 -10.00 33.29
O1 EDO F . -0.35 -10.19 33.86
C2 EDO F . -2.58 -9.30 34.29
O2 EDO F . -1.92 -8.43 35.22
PA NAP G . -3.34 -4.81 -13.12
O1A NAP G . -2.34 -3.81 -12.73
O2A NAP G . -3.76 -4.91 -14.54
O5B NAP G . -4.69 -4.71 -12.28
C5B NAP G . -4.65 -4.56 -10.85
C4B NAP G . -6.02 -4.90 -10.36
O4B NAP G . -5.97 -5.00 -8.91
C3B NAP G . -7.05 -3.81 -10.68
O3B NAP G . -8.32 -4.39 -10.91
C2B NAP G . -7.06 -3.02 -9.38
O2B NAP G . -8.31 -2.32 -9.21
C1B NAP G . -6.97 -4.14 -8.38
N9A NAP G . -6.57 -3.70 -7.05
C8A NAP G . -5.40 -3.11 -6.66
N7A NAP G . -5.39 -2.73 -5.40
C5A NAP G . -6.63 -3.13 -4.94
C6A NAP G . -7.28 -3.00 -3.68
N6A NAP G . -6.72 -2.46 -2.61
N1A NAP G . -8.54 -3.48 -3.58
C2A NAP G . -9.12 -4.04 -4.65
N3A NAP G . -8.61 -4.21 -5.87
C4A NAP G . -7.37 -3.73 -5.95
O3 NAP G . -2.88 -6.24 -12.57
PN NAP G . -2.03 -7.43 -13.22
O1N NAP G . -2.96 -8.39 -13.84
O2N NAP G . -0.95 -6.82 -14.02
O5D NAP G . -1.37 -7.99 -11.88
C5D NAP G . -1.73 -9.23 -11.27
C4D NAP G . -0.46 -10.02 -11.12
O4D NAP G . 0.03 -10.40 -12.44
C3D NAP G . 0.70 -9.29 -10.43
O3D NAP G . 1.42 -10.16 -9.55
C2D NAP G . 1.58 -8.88 -11.61
O2D NAP G . 2.95 -8.73 -11.28
C1D NAP G . 1.40 -10.12 -12.46
N1N NAP G . 1.85 -10.03 -13.91
C2N NAP G . 1.43 -9.00 -14.65
C3N NAP G . 1.88 -8.84 -15.95
C7N NAP G . 1.49 -7.71 -16.84
O7N NAP G . 2.09 -7.54 -17.92
N7N NAP G . 0.58 -6.85 -16.41
C4N NAP G . 2.76 -9.80 -16.47
C5N NAP G . 3.15 -10.87 -15.69
C6N NAP G . 2.68 -10.99 -14.41
P2B NAP G . -8.25 -0.72 -8.92
O1X NAP G . -7.38 0.03 -9.79
O2X NAP G . -7.52 -0.69 -7.55
O3X NAP G . -9.61 -0.30 -8.64
C1 PGE H . 7.38 -4.59 -12.47
O1 PGE H . 8.74 -4.97 -12.33
C2 PGE H . 6.61 -4.72 -11.19
O2 PGE H . 6.51 -6.09 -10.85
C3 PGE H . 5.42 -6.44 -10.01
C4 PGE H . 5.65 -7.83 -9.53
O4 PGE H . 9.34 -8.64 -7.40
C6 PGE H . 8.40 -9.56 -7.97
C5 PGE H . 6.99 -9.08 -8.00
O3 PGE H . 6.86 -7.89 -8.80
C1 EDO I . 5.33 6.98 -16.41
O1 EDO I . 6.35 6.12 -16.01
C2 EDO I . 4.02 6.29 -16.16
O2 EDO I . 3.23 6.21 -17.31
C1 EDO J . 7.99 12.88 -27.44
O1 EDO J . 9.10 12.13 -27.03
C2 EDO J . 7.26 12.18 -28.59
O2 EDO J . 5.90 12.64 -28.67
C1 EDO K . 7.74 -22.72 -5.10
O1 EDO K . 7.74 -21.34 -5.28
C2 EDO K . 7.12 -23.42 -6.34
O2 EDO K . 7.89 -23.19 -7.52
C1 EDO L . -6.67 -13.16 -28.07
O1 EDO L . -5.63 -13.06 -29.04
C2 EDO L . -8.01 -13.57 -28.74
O2 EDO L . -8.77 -14.45 -27.92
#